data_7U69
#
_entry.id   7U69
#
_cell.length_a   80.389
_cell.length_b   80.389
_cell.length_c   247.514
_cell.angle_alpha   90.000
_cell.angle_beta   90.000
_cell.angle_gamma   120.000
#
_symmetry.space_group_name_H-M   'P 31 2 1'
#
loop_
_entity.id
_entity.type
_entity.pdbx_description
1 polymer 'Polyamine deacetylase HDAC10'
2 non-polymer (2E)-N-hydroxy-3-[1-(2-phenylethyl)piperidin-4-yl]prop-2-enamide
3 non-polymer 'POTASSIUM ION'
4 non-polymer 'ZINC ION'
5 non-polymer 'PHOSPHATE ION'
6 water water
#
_entity_poly.entity_id   1
_entity_poly.type   'polypeptide(L)'
_entity_poly.pdbx_seq_one_letter_code
;AASGSALIFDEEMSRYKLLWTDPECEIEVPERLTVSYEALRTHGLAQRCKAVPVRQATEQEILLAHSEEYLEAVKQTPGM
NVEELMAFSKKYNAVYFHQNIYHCAKLAAGATLQLVDSVMKREVRNGMALVRPPGHHSQRSAANGFCVFNNVAFAALYAK
KNYNLNRILIVDWDVHHGQGIQYCFEEDPSVLYFSWHRYEHQSFWPNLPESDYSSVGKGKGSGFNINLPWNKVGMTNSDY
LAAFFHVLLPVAYEFDPELVIVSAGFDSAIGDPEGEMCALPEIFAHLTHLLMPLAAGKMCVVLEGGYNLTSLGQSVCQTV
HSLLGDPTPRISGLGTACDSALESIQNVRNVQSSYWSSFKHLAQSETNPKRPRLDATNGGPKESSEPASESNPKKTAQDI
VWPEPLKRMPASVRTVVVPPPGVELTLPKNCQHSGDISESTAKEVQRIRDKHFHDLTDQNILRSLGNIISVLDRMMRSDE
VCNGCVVVSDLSVSVQCALQHALTEPAERVLVVYVGDGELPVKTNDGKVFLVQICTKETEDKCVNRLTLCLREGESLTAG
FMQALLGLILPVAYEFNPALVLGIVEETAAKTRLMRVWGHMTCLIQGLARGRMLTLLQGYDKDLLELTVSALSGASISPL
GPLRAPKPEDVEMMEKQRQRLQERWGLLRCTVSESW
;
_entity_poly.pdbx_strand_id   A
#
loop_
_chem_comp.id
_chem_comp.type
_chem_comp.name
_chem_comp.formula
K non-polymer 'POTASSIUM ION' 'K 1'
LS6 non-polymer (2E)-N-hydroxy-3-[1-(2-phenylethyl)piperidin-4-yl]prop-2-enamide 'C16 H22 N2 O2'
PO4 non-polymer 'PHOSPHATE ION' 'O4 P -3'
ZN non-polymer 'ZINC ION' 'Zn 2'
#
# COMPACT_ATOMS: atom_id res chain seq x y z
N ALA A 1 -16.30 8.99 12.52
CA ALA A 1 -15.36 8.89 11.41
C ALA A 1 -15.92 7.93 10.37
N ALA A 2 -15.56 8.15 9.10
CA ALA A 2 -16.09 7.34 8.01
C ALA A 2 -15.73 5.87 8.20
N SER A 3 -16.67 4.99 7.88
CA SER A 3 -16.43 3.56 7.97
C SER A 3 -17.07 2.90 6.77
N GLY A 4 -16.60 1.69 6.47
CA GLY A 4 -17.05 0.94 5.31
C GLY A 4 -16.26 1.22 4.04
N SER A 5 -16.49 0.37 3.04
CA SER A 5 -15.86 0.49 1.73
C SER A 5 -16.93 0.38 0.66
N ALA A 6 -16.92 1.31 -0.30
CA ALA A 6 -17.89 1.26 -1.39
C ALA A 6 -17.42 0.31 -2.48
N LEU A 7 -18.38 -0.31 -3.14
CA LEU A 7 -18.13 -1.06 -4.35
C LEU A 7 -19.15 -0.57 -5.39
N ILE A 8 -18.64 0.04 -6.45
CA ILE A 8 -19.49 0.58 -7.49
C ILE A 8 -19.35 -0.33 -8.69
N PHE A 9 -20.47 -0.88 -9.16
CA PHE A 9 -20.43 -1.80 -10.27
C PHE A 9 -21.79 -1.78 -10.93
N ASP A 10 -21.81 -2.10 -12.22
CA ASP A 10 -23.09 -2.23 -12.91
C ASP A 10 -22.94 -3.08 -14.15
N GLU A 11 -23.82 -4.07 -14.27
CA GLU A 11 -23.84 -5.02 -15.37
C GLU A 11 -23.91 -4.34 -16.72
N GLU A 12 -24.40 -3.10 -16.78
CA GLU A 12 -24.52 -2.44 -18.07
C GLU A 12 -23.16 -2.20 -18.74
N MET A 13 -22.10 -1.98 -17.95
CA MET A 13 -20.79 -1.71 -18.56
C MET A 13 -20.18 -2.95 -19.21
N SER A 14 -20.71 -4.12 -18.95
CA SER A 14 -20.34 -5.31 -19.70
C SER A 14 -21.13 -5.46 -20.99
N ARG A 15 -22.00 -4.51 -21.32
CA ARG A 15 -22.85 -4.64 -22.51
C ARG A 15 -22.31 -3.88 -23.72
N TYR A 16 -21.02 -4.01 -24.01
CA TYR A 16 -20.43 -3.58 -25.28
C TYR A 16 -19.24 -4.48 -25.52
N LYS A 17 -18.90 -4.69 -26.79
CA LYS A 17 -17.83 -5.63 -27.10
C LYS A 17 -17.36 -5.41 -28.53
N LEU A 18 -16.24 -6.04 -28.86
CA LEU A 18 -15.64 -5.96 -30.18
C LEU A 18 -16.50 -6.72 -31.20
N LEU A 19 -16.82 -6.07 -32.32
CA LEU A 19 -17.73 -6.65 -33.29
C LEU A 19 -17.05 -7.03 -34.60
N TRP A 20 -15.73 -6.91 -34.68
CA TRP A 20 -14.95 -7.38 -35.83
C TRP A 20 -13.66 -7.96 -35.32
N THR A 21 -12.95 -8.67 -36.18
CA THR A 21 -11.70 -9.27 -35.75
C THR A 21 -10.58 -8.24 -35.81
N ASP A 22 -9.82 -8.16 -34.74
CA ASP A 22 -8.72 -7.23 -34.55
C ASP A 22 -7.90 -7.80 -33.40
N PRO A 23 -6.79 -8.48 -33.68
CA PRO A 23 -6.04 -9.11 -32.59
C PRO A 23 -5.42 -8.12 -31.61
N GLU A 24 -5.27 -6.85 -32.00
CA GLU A 24 -4.87 -5.81 -31.04
C GLU A 24 -5.88 -5.69 -29.90
N CYS A 25 -7.17 -5.62 -30.22
CA CYS A 25 -8.22 -5.44 -29.23
C CYS A 25 -8.90 -6.73 -28.79
N GLU A 26 -8.45 -7.88 -29.28
CA GLU A 26 -9.14 -9.14 -29.02
C GLU A 26 -9.33 -9.42 -27.53
N ILE A 27 -8.52 -8.80 -26.65
CA ILE A 27 -8.47 -9.21 -25.24
C ILE A 27 -9.36 -8.40 -24.33
N GLU A 28 -9.92 -7.29 -24.79
CA GLU A 28 -10.70 -6.43 -23.90
C GLU A 28 -12.14 -6.91 -23.95
N VAL A 29 -12.52 -7.76 -23.01
CA VAL A 29 -13.79 -8.50 -23.12
C VAL A 29 -14.74 -8.07 -22.02
N PRO A 30 -16.05 -8.22 -22.24
CA PRO A 30 -17.01 -8.02 -21.15
C PRO A 30 -16.78 -8.92 -19.94
N GLU A 31 -16.22 -10.12 -20.13
CA GLU A 31 -16.12 -11.07 -19.03
C GLU A 31 -15.18 -10.60 -17.94
N ARG A 32 -14.30 -9.62 -18.23
CA ARG A 32 -13.40 -9.11 -17.20
C ARG A 32 -14.20 -8.47 -16.07
N LEU A 33 -15.25 -7.74 -16.41
CA LEU A 33 -16.12 -7.18 -15.40
C LEU A 33 -16.93 -8.26 -14.70
N THR A 34 -17.50 -9.18 -15.48
CA THR A 34 -18.33 -10.24 -14.93
C THR A 34 -17.54 -11.09 -13.96
N VAL A 35 -16.39 -11.59 -14.41
CA VAL A 35 -15.54 -12.42 -13.58
C VAL A 35 -15.11 -11.69 -12.33
N SER A 36 -14.77 -10.40 -12.44
CA SER A 36 -14.28 -9.67 -11.26
C SER A 36 -15.38 -9.49 -10.23
N TYR A 37 -16.57 -9.09 -10.67
CA TYR A 37 -17.66 -8.94 -9.70
C TYR A 37 -18.07 -10.29 -9.12
N GLU A 38 -18.11 -11.32 -9.96
CA GLU A 38 -18.52 -12.62 -9.43
C GLU A 38 -17.48 -13.23 -8.51
N ALA A 39 -16.21 -12.84 -8.63
CA ALA A 39 -15.23 -13.33 -7.66
C ALA A 39 -15.38 -12.60 -6.33
N LEU A 40 -15.73 -11.31 -6.37
CA LEU A 40 -16.01 -10.61 -5.12
C LEU A 40 -17.24 -11.19 -4.42
N ARG A 41 -18.25 -11.57 -5.19
CA ARG A 41 -19.41 -12.21 -4.58
C ARG A 41 -19.04 -13.59 -4.02
N THR A 42 -18.36 -14.41 -4.81
CA THR A 42 -17.96 -15.73 -4.35
C THR A 42 -17.18 -15.69 -3.03
N HIS A 43 -16.37 -14.66 -2.81
CA HIS A 43 -15.56 -14.59 -1.59
C HIS A 43 -16.23 -13.81 -0.47
N GLY A 44 -17.48 -13.41 -0.65
CA GLY A 44 -18.18 -12.69 0.40
C GLY A 44 -17.81 -11.23 0.53
N LEU A 45 -17.00 -10.69 -0.39
CA LEU A 45 -16.51 -9.33 -0.25
C LEU A 45 -17.49 -8.28 -0.78
N ALA A 46 -18.19 -8.57 -1.88
CA ALA A 46 -19.23 -7.67 -2.36
C ALA A 46 -20.25 -7.39 -1.26
N GLN A 47 -20.75 -8.45 -0.64
CA GLN A 47 -21.76 -8.35 0.42
C GLN A 47 -21.32 -7.47 1.58
N ARG A 48 -20.01 -7.34 1.82
CA ARG A 48 -19.51 -6.45 2.88
C ARG A 48 -19.30 -5.00 2.42
N CYS A 49 -19.43 -4.71 1.14
CA CYS A 49 -19.28 -3.35 0.67
C CYS A 49 -20.62 -2.65 0.46
N LYS A 50 -20.66 -1.39 0.86
CA LYS A 50 -21.76 -0.50 0.52
C LYS A 50 -21.87 -0.41 -0.99
N ALA A 51 -22.93 -0.99 -1.57
CA ALA A 51 -23.16 -0.74 -2.99
C ALA A 51 -23.55 0.71 -3.19
N VAL A 52 -23.02 1.31 -4.24
CA VAL A 52 -23.28 2.72 -4.52
C VAL A 52 -23.64 2.72 -6.00
N PRO A 53 -24.79 3.25 -6.39
CA PRO A 53 -25.21 3.16 -7.79
C PRO A 53 -24.25 3.90 -8.70
N VAL A 54 -24.19 3.41 -9.93
CA VAL A 54 -23.57 4.07 -11.06
C VAL A 54 -24.42 5.26 -11.51
N ARG A 55 -23.76 6.22 -12.17
CA ARG A 55 -24.49 7.30 -12.83
C ARG A 55 -23.74 7.68 -14.10
N GLN A 56 -24.36 8.52 -14.92
CA GLN A 56 -23.68 9.03 -16.11
C GLN A 56 -22.93 10.29 -15.71
N ALA A 57 -21.69 10.38 -16.15
CA ALA A 57 -20.99 11.66 -16.16
C ALA A 57 -21.78 12.63 -17.04
N THR A 58 -21.97 13.85 -16.56
CA THR A 58 -22.63 14.87 -17.37
C THR A 58 -21.68 15.45 -18.41
N GLU A 59 -22.26 16.16 -19.38
CA GLU A 59 -21.44 16.83 -20.38
C GLU A 59 -20.42 17.77 -19.74
N GLN A 60 -20.85 18.58 -18.77
CA GLN A 60 -19.91 19.49 -18.11
C GLN A 60 -18.76 18.73 -17.47
N GLU A 61 -19.05 17.59 -16.85
CA GLU A 61 -17.98 16.81 -16.21
C GLU A 61 -17.03 16.23 -17.24
N ILE A 62 -17.56 15.68 -18.33
CA ILE A 62 -16.71 15.17 -19.39
C ILE A 62 -15.76 16.25 -19.87
N LEU A 63 -16.23 17.50 -19.97
CA LEU A 63 -15.41 18.57 -20.51
C LEU A 63 -14.35 19.05 -19.53
N LEU A 64 -14.34 18.57 -18.28
CA LEU A 64 -13.22 18.87 -17.41
C LEU A 64 -11.92 18.41 -18.03
N ALA A 65 -11.96 17.31 -18.77
CA ALA A 65 -10.77 16.65 -19.26
C ALA A 65 -10.76 16.39 -20.75
N HIS A 66 -11.86 16.66 -21.47
CA HIS A 66 -11.89 16.38 -22.90
C HIS A 66 -12.42 17.59 -23.64
N SER A 67 -12.12 17.64 -24.94
CA SER A 67 -12.52 18.77 -25.76
C SER A 67 -13.89 18.55 -26.38
N GLU A 68 -14.60 19.67 -26.62
CA GLU A 68 -15.92 19.60 -27.21
C GLU A 68 -15.91 18.81 -28.51
N GLU A 69 -14.90 19.03 -29.35
CA GLU A 69 -14.85 18.34 -30.63
C GLU A 69 -14.87 16.85 -30.44
N TYR A 70 -14.04 16.35 -29.51
CA TYR A 70 -13.90 14.92 -29.32
C TYR A 70 -15.18 14.34 -28.75
N LEU A 71 -15.75 15.00 -27.74
CA LEU A 71 -17.02 14.57 -27.17
C LEU A 71 -18.12 14.55 -28.22
N GLU A 72 -18.20 15.57 -29.09
CA GLU A 72 -19.22 15.57 -30.13
C GLU A 72 -19.06 14.37 -31.05
N ALA A 73 -17.83 14.03 -31.43
CA ALA A 73 -17.64 12.90 -32.34
C ALA A 73 -18.01 11.58 -31.67
N VAL A 74 -17.66 11.42 -30.38
CA VAL A 74 -18.02 10.19 -29.68
C VAL A 74 -19.53 10.09 -29.50
N LYS A 75 -20.18 11.22 -29.24
CA LYS A 75 -21.63 11.27 -29.10
C LYS A 75 -22.33 10.76 -30.34
N GLN A 76 -21.67 10.73 -31.50
CA GLN A 76 -22.30 10.22 -32.70
C GLN A 76 -22.22 8.71 -32.86
N THR A 77 -21.40 8.03 -32.06
CA THR A 77 -21.19 6.62 -32.35
C THR A 77 -22.41 5.75 -32.02
N PRO A 78 -23.28 6.08 -31.05
CA PRO A 78 -24.48 5.24 -30.87
C PRO A 78 -25.35 5.14 -32.11
N GLY A 79 -25.31 6.13 -32.99
CA GLY A 79 -26.05 6.04 -34.23
C GLY A 79 -25.35 5.38 -35.39
N MET A 80 -24.15 4.83 -35.19
CA MET A 80 -23.35 4.27 -36.28
C MET A 80 -23.55 2.76 -36.43
N ASN A 81 -23.58 2.29 -37.68
CA ASN A 81 -23.55 0.85 -37.95
C ASN A 81 -22.12 0.31 -37.81
N VAL A 82 -21.98 -1.00 -38.03
CA VAL A 82 -20.69 -1.64 -37.78
C VAL A 82 -19.61 -1.07 -38.70
N GLU A 83 -19.90 -1.00 -40.00
CA GLU A 83 -18.96 -0.39 -40.95
C GLU A 83 -18.48 0.98 -40.46
N GLU A 84 -19.43 1.81 -40.04
CA GLU A 84 -19.08 3.14 -39.58
C GLU A 84 -18.32 3.12 -38.27
N LEU A 85 -18.62 2.16 -37.38
CA LEU A 85 -17.90 2.14 -36.11
C LEU A 85 -16.45 1.70 -36.32
N MET A 86 -16.22 0.78 -37.26
CA MET A 86 -14.86 0.41 -37.61
C MET A 86 -14.09 1.60 -38.19
N ALA A 87 -14.69 2.31 -39.16
CA ALA A 87 -14.00 3.48 -39.70
C ALA A 87 -13.63 4.47 -38.61
N PHE A 88 -14.55 4.72 -37.67
CA PHE A 88 -14.27 5.64 -36.57
C PHE A 88 -13.19 5.11 -35.64
N SER A 89 -13.19 3.79 -35.40
CA SER A 89 -12.18 3.20 -34.53
C SER A 89 -10.78 3.33 -35.13
N LYS A 90 -10.67 3.19 -36.46
CA LYS A 90 -9.38 3.21 -37.12
C LYS A 90 -8.68 4.57 -37.02
N LYS A 91 -9.38 5.64 -36.65
CA LYS A 91 -8.73 6.92 -36.41
C LYS A 91 -7.90 6.95 -35.13
N TYR A 92 -7.96 5.91 -34.29
CA TYR A 92 -7.27 5.92 -33.02
C TYR A 92 -6.45 4.67 -32.90
N ASN A 93 -5.54 4.65 -31.94
CA ASN A 93 -4.63 3.53 -31.79
C ASN A 93 -5.19 2.54 -30.76
N ALA A 94 -5.40 1.29 -31.18
CA ALA A 94 -5.80 0.18 -30.31
C ALA A 94 -7.08 0.49 -29.53
N VAL A 95 -8.14 0.80 -30.27
CA VAL A 95 -9.42 1.11 -29.63
C VAL A 95 -10.54 0.69 -30.57
N TYR A 96 -11.59 0.13 -29.99
CA TYR A 96 -12.77 -0.24 -30.76
C TYR A 96 -13.99 0.42 -30.12
N PHE A 97 -14.95 0.79 -30.96
CA PHE A 97 -16.21 1.38 -30.54
C PHE A 97 -17.36 0.41 -30.82
N HIS A 98 -18.49 0.69 -30.20
CA HIS A 98 -19.66 -0.17 -30.19
C HIS A 98 -20.84 0.74 -29.93
N GLN A 99 -22.03 0.33 -30.40
CA GLN A 99 -23.18 1.24 -30.29
C GLN A 99 -23.44 1.65 -28.84
N ASN A 100 -23.05 0.82 -27.87
CA ASN A 100 -23.25 1.10 -26.45
C ASN A 100 -22.01 1.63 -25.73
N ILE A 101 -20.91 1.89 -26.45
CA ILE A 101 -19.69 2.21 -25.70
C ILE A 101 -19.72 3.64 -25.18
N TYR A 102 -20.32 4.57 -25.91
CA TYR A 102 -20.46 5.92 -25.40
C TYR A 102 -21.25 5.92 -24.08
N HIS A 103 -22.40 5.25 -24.06
CA HIS A 103 -23.17 5.06 -22.84
C HIS A 103 -22.30 4.48 -21.70
N CYS A 104 -21.66 3.33 -21.95
CA CYS A 104 -20.83 2.72 -20.90
C CYS A 104 -19.70 3.65 -20.45
N ALA A 105 -19.06 4.36 -21.38
CA ALA A 105 -18.02 5.33 -21.03
C ALA A 105 -18.54 6.38 -20.05
N LYS A 106 -19.73 6.93 -20.29
CA LYS A 106 -20.28 7.89 -19.32
C LYS A 106 -20.57 7.20 -17.99
N LEU A 107 -20.96 5.91 -18.02
CA LEU A 107 -21.16 5.16 -16.77
C LEU A 107 -19.84 4.95 -16.03
N ALA A 108 -18.79 4.48 -16.74
CA ALA A 108 -17.50 4.26 -16.09
C ALA A 108 -16.96 5.55 -15.50
N ALA A 109 -17.23 6.68 -16.16
CA ALA A 109 -16.82 7.99 -15.63
C ALA A 109 -17.70 8.42 -14.46
N GLY A 110 -19.02 8.25 -14.59
CA GLY A 110 -19.91 8.59 -13.48
C GLY A 110 -19.65 7.74 -12.26
N ALA A 111 -19.41 6.44 -12.47
CA ALA A 111 -19.07 5.56 -11.34
C ALA A 111 -17.85 6.06 -10.58
N THR A 112 -16.80 6.48 -11.29
CA THR A 112 -15.63 7.04 -10.61
C THR A 112 -16.00 8.26 -9.78
N LEU A 113 -16.86 9.15 -10.33
CA LEU A 113 -17.27 10.32 -9.55
C LEU A 113 -18.17 9.93 -8.37
N GLN A 114 -19.07 8.95 -8.57
CA GLN A 114 -19.82 8.40 -7.44
C GLN A 114 -18.87 7.94 -6.34
N LEU A 115 -17.80 7.21 -6.72
CA LEU A 115 -16.79 6.79 -5.75
C LEU A 115 -16.15 7.99 -5.06
N VAL A 116 -15.71 8.98 -5.84
CA VAL A 116 -15.05 10.15 -5.27
C VAL A 116 -15.98 10.87 -4.30
N ASP A 117 -17.27 11.02 -4.66
CA ASP A 117 -18.20 11.70 -3.76
C ASP A 117 -18.44 10.90 -2.47
N SER A 118 -18.55 9.57 -2.55
CA SER A 118 -18.79 8.81 -1.34
C SER A 118 -17.61 8.88 -0.37
N VAL A 119 -16.39 8.93 -0.90
CA VAL A 119 -15.20 9.01 -0.03
C VAL A 119 -15.01 10.44 0.52
N MET A 120 -15.17 11.47 -0.32
CA MET A 120 -14.98 12.83 0.18
C MET A 120 -16.14 13.31 1.09
N LYS A 121 -17.36 12.83 0.88
CA LYS A 121 -18.45 13.11 1.81
C LYS A 121 -18.41 12.23 3.05
N ARG A 122 -17.30 11.51 3.29
CA ARG A 122 -17.09 10.66 4.47
C ARG A 122 -18.20 9.64 4.66
N GLU A 123 -18.91 9.28 3.59
CA GLU A 123 -19.93 8.24 3.66
C GLU A 123 -19.32 6.85 3.75
N VAL A 124 -18.08 6.71 3.27
CA VAL A 124 -17.28 5.50 3.37
C VAL A 124 -15.84 5.95 3.60
N ARG A 125 -14.98 5.00 4.02
CA ARG A 125 -13.57 5.34 4.14
C ARG A 125 -12.86 5.30 2.79
N ASN A 126 -13.20 4.33 1.95
CA ASN A 126 -12.50 4.10 0.70
C ASN A 126 -13.45 3.30 -0.18
N GLY A 127 -13.01 2.99 -1.39
CA GLY A 127 -13.85 2.14 -2.21
C GLY A 127 -13.16 1.76 -3.50
N MET A 128 -13.87 0.99 -4.30
CA MET A 128 -13.43 0.50 -5.59
C MET A 128 -14.58 0.60 -6.59
N ALA A 129 -14.28 1.08 -7.78
CA ALA A 129 -15.20 1.06 -8.91
C ALA A 129 -14.72 0.05 -9.95
N LEU A 130 -15.48 -1.01 -10.18
CA LEU A 130 -15.23 -1.91 -11.31
C LEU A 130 -15.90 -1.31 -12.54
N VAL A 131 -15.12 -0.84 -13.50
CA VAL A 131 -15.69 -0.13 -14.63
C VAL A 131 -15.07 -0.63 -15.91
N ARG A 132 -15.78 -0.40 -17.00
CA ARG A 132 -15.34 -0.68 -18.33
C ARG A 132 -16.05 0.41 -19.13
N PRO A 133 -15.40 1.03 -20.12
CA PRO A 133 -14.02 0.85 -20.57
C PRO A 133 -13.04 1.46 -19.58
N PRO A 134 -11.78 1.07 -19.67
CA PRO A 134 -10.77 1.71 -18.80
C PRO A 134 -10.53 3.16 -19.23
N GLY A 135 -9.71 3.88 -18.49
CA GLY A 135 -9.54 5.28 -18.80
C GLY A 135 -8.15 5.81 -19.08
N HIS A 136 -7.11 5.26 -18.43
CA HIS A 136 -5.90 6.06 -18.23
C HIS A 136 -5.15 6.39 -19.53
N HIS A 137 -5.46 5.72 -20.62
CA HIS A 137 -4.84 6.08 -21.90
C HIS A 137 -5.55 7.22 -22.60
N SER A 138 -6.83 7.40 -22.32
CA SER A 138 -7.63 8.46 -22.93
C SER A 138 -6.95 9.81 -22.85
N GLN A 139 -7.08 10.59 -23.91
CA GLN A 139 -6.47 11.91 -23.97
C GLN A 139 -7.53 12.94 -24.31
N ARG A 140 -7.14 14.21 -24.24
N ARG A 140 -7.14 14.22 -24.23
CA ARG A 140 -8.10 15.31 -24.30
CA ARG A 140 -8.10 15.31 -24.30
C ARG A 140 -8.94 15.26 -25.57
C ARG A 140 -8.96 15.26 -25.57
N SER A 141 -8.37 14.85 -26.70
CA SER A 141 -9.11 14.73 -27.94
C SER A 141 -8.95 13.38 -28.63
N ALA A 142 -8.69 12.31 -27.87
CA ALA A 142 -8.56 11.03 -28.56
C ALA A 142 -8.87 9.86 -27.63
N ALA A 143 -9.48 8.83 -28.22
CA ALA A 143 -9.50 7.51 -27.62
C ALA A 143 -8.17 6.83 -27.88
N ASN A 144 -7.80 5.91 -26.99
CA ASN A 144 -6.51 5.26 -27.11
C ASN A 144 -6.50 4.04 -26.20
N GLY A 145 -5.94 2.95 -26.68
CA GLY A 145 -5.78 1.75 -25.86
C GLY A 145 -7.00 1.35 -25.04
N PHE A 146 -8.12 1.03 -25.71
CA PHE A 146 -9.37 0.60 -25.07
C PHE A 146 -10.09 1.69 -24.29
N CYS A 147 -9.45 2.83 -24.03
CA CYS A 147 -10.04 3.90 -23.25
C CYS A 147 -10.75 4.96 -24.09
N VAL A 148 -11.94 5.37 -23.64
CA VAL A 148 -12.70 6.44 -24.28
C VAL A 148 -12.58 7.75 -23.53
N PHE A 149 -12.85 7.75 -22.22
CA PHE A 149 -12.69 8.92 -21.38
C PHE A 149 -11.77 8.57 -20.22
N ASN A 150 -11.10 9.57 -19.66
CA ASN A 150 -10.07 9.28 -18.69
C ASN A 150 -10.69 9.36 -17.30
N ASN A 151 -11.27 8.23 -16.87
CA ASN A 151 -11.97 8.11 -15.59
C ASN A 151 -11.17 8.70 -14.44
N VAL A 152 -9.90 8.29 -14.30
CA VAL A 152 -9.09 8.71 -13.16
C VAL A 152 -8.74 10.20 -13.26
N ALA A 153 -8.53 10.72 -14.47
CA ALA A 153 -8.27 12.16 -14.58
C ALA A 153 -9.52 12.95 -14.17
N PHE A 154 -10.71 12.56 -14.67
CA PHE A 154 -11.97 13.12 -14.19
C PHE A 154 -12.00 13.20 -12.68
N ALA A 155 -11.65 12.09 -12.02
CA ALA A 155 -11.81 12.00 -10.58
C ALA A 155 -10.97 13.04 -9.89
N ALA A 156 -9.74 13.26 -10.40
CA ALA A 156 -8.87 14.24 -9.75
C ALA A 156 -9.30 15.65 -10.07
N LEU A 157 -9.66 15.91 -11.33
CA LEU A 157 -10.19 17.23 -11.71
C LEU A 157 -11.47 17.54 -10.94
N TYR A 158 -12.37 16.56 -10.83
CA TYR A 158 -13.65 16.75 -10.16
C TYR A 158 -13.46 16.98 -8.67
N ALA A 159 -12.55 16.23 -8.05
CA ALA A 159 -12.27 16.42 -6.63
C ALA A 159 -11.60 17.77 -6.37
N LYS A 160 -10.70 18.19 -7.26
CA LYS A 160 -10.16 19.54 -7.19
C LYS A 160 -11.28 20.57 -7.22
N LYS A 161 -12.15 20.48 -8.22
CA LYS A 161 -13.15 21.52 -8.41
C LYS A 161 -14.19 21.51 -7.32
N ASN A 162 -14.63 20.33 -6.86
CA ASN A 162 -15.79 20.24 -5.98
C ASN A 162 -15.44 20.15 -4.50
N TYR A 163 -14.19 19.86 -4.16
CA TYR A 163 -13.82 19.80 -2.75
C TYR A 163 -12.60 20.64 -2.45
N ASN A 164 -12.14 21.45 -3.41
CA ASN A 164 -11.05 22.40 -3.16
C ASN A 164 -9.78 21.70 -2.72
N LEU A 165 -9.49 20.55 -3.31
CA LEU A 165 -8.32 19.78 -2.93
C LEU A 165 -7.08 20.41 -3.54
N ASN A 166 -6.04 20.55 -2.74
CA ASN A 166 -4.75 21.04 -3.21
C ASN A 166 -3.80 19.93 -3.61
N ARG A 167 -3.94 18.73 -3.06
CA ARG A 167 -2.95 17.68 -3.24
C ARG A 167 -3.65 16.35 -3.46
N ILE A 168 -3.45 15.76 -4.63
CA ILE A 168 -4.07 14.49 -5.00
C ILE A 168 -2.96 13.58 -5.53
N LEU A 169 -2.82 12.40 -4.92
CA LEU A 169 -1.94 11.37 -5.44
C LEU A 169 -2.72 10.43 -6.36
N ILE A 170 -2.17 10.17 -7.55
CA ILE A 170 -2.67 9.14 -8.44
C ILE A 170 -1.59 8.06 -8.56
N VAL A 171 -1.92 6.84 -8.17
CA VAL A 171 -1.02 5.69 -8.25
C VAL A 171 -1.54 4.76 -9.34
N ASP A 172 -0.74 4.55 -10.37
CA ASP A 172 -1.16 3.81 -11.57
C ASP A 172 -0.31 2.54 -11.63
N TRP A 173 -0.81 1.44 -11.08
CA TRP A 173 -0.05 0.21 -11.06
C TRP A 173 -0.48 -0.75 -12.17
N ASP A 174 -1.29 -0.28 -13.12
CA ASP A 174 -1.48 -0.97 -14.38
C ASP A 174 -0.12 -1.24 -15.02
N VAL A 175 -0.04 -2.24 -15.92
CA VAL A 175 1.26 -2.55 -16.51
C VAL A 175 1.60 -1.62 -17.66
N HIS A 176 0.64 -0.84 -18.13
CA HIS A 176 0.83 0.10 -19.24
C HIS A 176 1.00 1.51 -18.70
N HIS A 177 1.73 2.34 -19.45
CA HIS A 177 1.89 3.73 -19.03
C HIS A 177 0.61 4.49 -19.23
N GLY A 178 0.12 5.15 -18.19
CA GLY A 178 -1.09 5.93 -18.37
C GLY A 178 -0.81 7.30 -18.92
N GLN A 179 -0.41 7.38 -20.20
CA GLN A 179 0.07 8.66 -20.72
C GLN A 179 -1.03 9.72 -20.76
N GLY A 180 -2.30 9.32 -20.88
CA GLY A 180 -3.38 10.29 -20.77
C GLY A 180 -3.38 11.04 -19.44
N ILE A 181 -3.17 10.33 -18.34
CA ILE A 181 -3.13 10.99 -17.04
C ILE A 181 -1.95 11.95 -16.99
N GLN A 182 -0.77 11.47 -17.37
CA GLN A 182 0.42 12.30 -17.38
C GLN A 182 0.21 13.58 -18.21
N TYR A 183 -0.34 13.47 -19.43
CA TYR A 183 -0.57 14.66 -20.25
C TYR A 183 -1.50 15.61 -19.53
N CYS A 184 -2.53 15.07 -18.89
CA CYS A 184 -3.49 15.87 -18.15
C CYS A 184 -2.83 16.74 -17.09
N PHE A 185 -1.94 16.17 -16.29
CA PHE A 185 -1.48 16.86 -15.09
C PHE A 185 -0.01 17.26 -15.11
N GLU A 186 0.64 17.23 -16.28
CA GLU A 186 2.08 17.44 -16.30
C GLU A 186 2.51 18.82 -15.84
N GLU A 187 1.66 19.83 -15.96
CA GLU A 187 2.02 21.14 -15.43
C GLU A 187 1.33 21.44 -14.11
N ASP A 188 0.71 20.44 -13.49
CA ASP A 188 -0.11 20.68 -12.32
C ASP A 188 0.57 20.11 -11.08
N PRO A 189 1.11 20.95 -10.20
CA PRO A 189 1.73 20.45 -8.98
C PRO A 189 0.72 19.98 -7.95
N SER A 190 -0.56 20.26 -8.15
CA SER A 190 -1.56 19.77 -7.21
C SER A 190 -1.85 18.28 -7.37
N VAL A 191 -1.52 17.69 -8.52
CA VAL A 191 -1.74 16.27 -8.72
C VAL A 191 -0.39 15.59 -8.93
N LEU A 192 -0.06 14.66 -8.05
CA LEU A 192 1.14 13.85 -8.22
C LEU A 192 0.75 12.52 -8.88
N TYR A 193 1.39 12.21 -10.01
CA TYR A 193 1.15 10.99 -10.77
C TYR A 193 2.36 10.07 -10.69
N PHE A 194 2.15 8.85 -10.21
CA PHE A 194 3.14 7.78 -10.23
C PHE A 194 2.63 6.66 -11.12
N SER A 195 3.48 6.20 -12.02
CA SER A 195 3.17 5.05 -12.86
C SER A 195 4.41 4.20 -13.01
N TRP A 196 4.27 2.90 -12.79
CA TRP A 196 5.25 1.96 -13.29
C TRP A 196 4.67 1.29 -14.52
N HIS A 197 5.53 0.74 -15.38
CA HIS A 197 4.96 0.19 -16.61
C HIS A 197 6.00 -0.55 -17.41
N ARG A 198 5.55 -1.56 -18.13
CA ARG A 198 6.41 -2.26 -19.07
C ARG A 198 6.80 -1.30 -20.20
N TYR A 199 8.09 -1.01 -20.28
CA TYR A 199 8.69 -0.10 -21.25
C TYR A 199 9.58 -0.83 -22.24
N GLU A 200 10.51 -1.64 -21.74
CA GLU A 200 11.47 -2.34 -22.57
C GLU A 200 12.18 -1.37 -23.53
N HIS A 201 12.73 -0.30 -22.95
CA HIS A 201 13.51 0.69 -23.71
C HIS A 201 12.69 1.26 -24.86
N GLN A 202 11.41 1.49 -24.59
CA GLN A 202 10.45 2.11 -25.47
C GLN A 202 9.94 1.13 -26.53
N SER A 203 10.34 -0.13 -26.54
CA SER A 203 9.79 -1.02 -27.56
C SER A 203 8.41 -1.57 -27.22
N PHE A 204 7.88 -1.36 -26.02
CA PHE A 204 6.55 -1.84 -25.67
C PHE A 204 5.52 -0.72 -25.74
N TRP A 205 4.33 -1.06 -26.28
CA TRP A 205 3.25 -0.10 -26.48
C TRP A 205 3.01 0.71 -25.21
N PRO A 206 2.75 2.02 -25.30
CA PRO A 206 2.54 2.85 -26.50
C PRO A 206 3.81 3.52 -27.07
N ASN A 207 5.00 3.03 -26.72
CA ASN A 207 6.26 3.38 -27.40
C ASN A 207 6.56 4.87 -27.30
N LEU A 208 6.48 5.41 -26.11
CA LEU A 208 6.59 6.85 -25.99
C LEU A 208 7.89 7.24 -25.32
N PRO A 209 8.67 8.14 -25.94
CA PRO A 209 9.83 8.71 -25.25
C PRO A 209 9.50 9.27 -23.88
N GLU A 210 8.39 10.01 -23.74
CA GLU A 210 8.03 10.63 -22.47
C GLU A 210 7.50 9.65 -21.43
N SER A 211 7.37 8.36 -21.74
CA SER A 211 7.11 7.36 -20.71
C SER A 211 8.35 7.03 -19.89
N ASP A 212 9.48 7.65 -20.17
CA ASP A 212 10.71 7.25 -19.51
C ASP A 212 10.86 8.01 -18.21
N TYR A 213 11.85 7.59 -17.41
CA TYR A 213 12.03 8.15 -16.08
C TYR A 213 12.34 9.64 -16.12
N SER A 214 12.70 10.18 -17.27
CA SER A 214 13.18 11.54 -17.27
C SER A 214 12.05 12.56 -17.42
N SER A 215 10.83 12.10 -17.67
CA SER A 215 9.67 12.99 -17.69
C SER A 215 9.24 13.20 -16.25
N VAL A 216 9.64 14.32 -15.67
CA VAL A 216 9.37 14.62 -14.27
C VAL A 216 8.24 15.62 -14.11
N GLY A 217 7.55 15.94 -15.18
CA GLY A 217 6.61 17.05 -15.21
C GLY A 217 7.16 18.18 -16.06
N LYS A 218 6.36 19.25 -16.17
CA LYS A 218 6.74 20.44 -16.91
C LYS A 218 6.35 21.70 -16.14
N GLY A 219 7.25 22.68 -16.12
CA GLY A 219 6.92 23.99 -15.55
C GLY A 219 6.70 23.91 -14.06
N LYS A 220 5.63 24.55 -13.58
CA LYS A 220 5.33 24.51 -12.16
C LYS A 220 5.07 23.08 -11.67
N GLY A 221 4.83 22.14 -12.58
CA GLY A 221 4.59 20.74 -12.26
C GLY A 221 5.81 19.85 -12.29
N SER A 222 7.01 20.41 -12.45
CA SER A 222 8.21 19.59 -12.47
C SER A 222 8.40 18.89 -11.13
N GLY A 223 8.59 17.57 -11.17
CA GLY A 223 8.72 16.78 -9.96
C GLY A 223 7.45 16.07 -9.52
N PHE A 224 6.31 16.36 -10.15
CA PHE A 224 5.05 15.73 -9.78
C PHE A 224 4.58 14.71 -10.82
N ASN A 225 5.47 14.32 -11.73
CA ASN A 225 5.31 13.16 -12.58
C ASN A 225 6.49 12.22 -12.32
N ILE A 226 6.19 10.95 -12.04
CA ILE A 226 7.20 9.95 -11.74
C ILE A 226 6.90 8.71 -12.57
N ASN A 227 7.71 8.47 -13.59
CA ASN A 227 7.65 7.26 -14.39
C ASN A 227 8.76 6.31 -13.95
N LEU A 228 8.40 5.05 -13.70
CA LEU A 228 9.36 3.98 -13.46
C LEU A 228 9.22 2.95 -14.57
N PRO A 229 10.07 3.01 -15.59
CA PRO A 229 9.99 2.02 -16.69
C PRO A 229 10.52 0.65 -16.27
N TRP A 230 9.76 -0.40 -16.62
CA TRP A 230 10.24 -1.78 -16.51
C TRP A 230 10.89 -2.17 -17.82
N ASN A 231 12.20 -2.36 -17.82
CA ASN A 231 12.86 -2.64 -19.08
C ASN A 231 13.03 -4.13 -19.34
N LYS A 232 12.51 -4.97 -18.45
CA LYS A 232 12.43 -6.41 -18.70
C LYS A 232 11.06 -6.88 -18.25
N VAL A 233 10.57 -7.95 -18.86
CA VAL A 233 9.35 -8.58 -18.35
C VAL A 233 9.76 -9.47 -17.19
N GLY A 234 8.79 -10.10 -16.52
CA GLY A 234 9.09 -11.00 -15.41
C GLY A 234 9.31 -10.37 -14.05
N MET A 235 8.91 -9.12 -13.87
CA MET A 235 9.12 -8.48 -12.57
C MET A 235 8.33 -9.19 -11.48
N THR A 236 8.92 -9.29 -10.30
CA THR A 236 8.44 -10.09 -9.19
C THR A 236 7.89 -9.21 -8.06
N ASN A 237 7.34 -9.87 -7.04
CA ASN A 237 6.92 -9.14 -5.85
C ASN A 237 8.03 -8.22 -5.36
N SER A 238 9.28 -8.72 -5.34
CA SER A 238 10.40 -7.94 -4.82
C SER A 238 10.63 -6.65 -5.62
N ASP A 239 10.47 -6.70 -6.94
CA ASP A 239 10.56 -5.50 -7.76
C ASP A 239 9.46 -4.51 -7.41
N TYR A 240 8.20 -4.99 -7.33
CA TYR A 240 7.09 -4.12 -6.98
C TYR A 240 7.28 -3.49 -5.60
N LEU A 241 7.69 -4.30 -4.62
CA LEU A 241 7.91 -3.74 -3.29
C LEU A 241 9.10 -2.79 -3.28
N ALA A 242 10.17 -3.13 -4.04
CA ALA A 242 11.31 -2.23 -4.10
C ALA A 242 10.92 -0.86 -4.69
N ALA A 243 10.06 -0.87 -5.72
CA ALA A 243 9.55 0.39 -6.25
C ALA A 243 8.77 1.17 -5.19
N PHE A 244 7.96 0.48 -4.37
CA PHE A 244 7.16 1.17 -3.36
C PHE A 244 8.03 1.73 -2.24
N PHE A 245 8.92 0.90 -1.68
CA PHE A 245 9.75 1.36 -0.56
C PHE A 245 10.74 2.44 -0.97
N HIS A 246 11.32 2.35 -2.17
CA HIS A 246 12.39 3.28 -2.51
C HIS A 246 11.99 4.38 -3.49
N VAL A 247 10.80 4.33 -4.08
CA VAL A 247 10.40 5.43 -4.94
C VAL A 247 9.05 6.01 -4.51
N LEU A 248 7.99 5.21 -4.57
CA LEU A 248 6.63 5.76 -4.44
C LEU A 248 6.36 6.24 -3.02
N LEU A 249 6.55 5.37 -2.01
CA LEU A 249 6.16 5.72 -0.65
C LEU A 249 6.94 6.91 -0.09
N PRO A 250 8.27 6.98 -0.19
CA PRO A 250 8.94 8.19 0.27
C PRO A 250 8.38 9.45 -0.37
N VAL A 251 8.14 9.44 -1.70
CA VAL A 251 7.57 10.63 -2.33
C VAL A 251 6.15 10.90 -1.82
N ALA A 252 5.32 9.86 -1.71
CA ALA A 252 3.91 10.08 -1.37
C ALA A 252 3.72 10.61 0.04
N TYR A 253 4.51 10.13 1.02
CA TYR A 253 4.32 10.62 2.38
C TYR A 253 4.87 12.04 2.55
N GLU A 254 5.82 12.45 1.73
CA GLU A 254 6.27 13.83 1.79
C GLU A 254 5.26 14.77 1.14
N PHE A 255 4.67 14.31 0.04
CA PHE A 255 3.64 15.07 -0.66
C PHE A 255 2.42 15.26 0.22
N ASP A 256 2.06 14.24 1.01
CA ASP A 256 0.92 14.27 1.92
C ASP A 256 -0.37 14.56 1.15
N PRO A 257 -0.84 13.63 0.34
CA PRO A 257 -2.04 13.90 -0.47
C PRO A 257 -3.29 14.01 0.39
N GLU A 258 -4.25 14.80 -0.09
CA GLU A 258 -5.54 14.84 0.58
C GLU A 258 -6.48 13.76 0.07
N LEU A 259 -6.13 13.13 -1.05
CA LEU A 259 -6.91 12.04 -1.58
C LEU A 259 -5.97 11.19 -2.41
N VAL A 260 -6.18 9.87 -2.40
CA VAL A 260 -5.42 8.94 -3.21
C VAL A 260 -6.37 8.26 -4.19
N ILE A 261 -6.01 8.30 -5.48
CA ILE A 261 -6.74 7.58 -6.52
C ILE A 261 -5.79 6.56 -7.15
N VAL A 262 -6.25 5.33 -7.27
CA VAL A 262 -5.41 4.27 -7.83
C VAL A 262 -5.95 3.93 -9.21
N SER A 263 -5.13 4.13 -10.23
CA SER A 263 -5.36 3.45 -11.51
C SER A 263 -4.97 2.00 -11.30
N ALA A 264 -5.97 1.14 -11.09
CA ALA A 264 -5.74 -0.24 -10.67
C ALA A 264 -5.91 -1.16 -11.87
N GLY A 265 -4.87 -1.24 -12.69
CA GLY A 265 -4.78 -2.30 -13.68
C GLY A 265 -4.13 -3.52 -13.05
N PHE A 266 -4.67 -4.70 -13.35
CA PHE A 266 -4.12 -5.93 -12.78
C PHE A 266 -3.44 -6.76 -13.85
N ASP A 267 -3.26 -6.20 -15.05
CA ASP A 267 -2.37 -6.77 -16.03
C ASP A 267 -0.92 -6.73 -15.60
N SER A 268 -0.61 -6.13 -14.46
CA SER A 268 0.74 -6.28 -13.94
C SER A 268 0.90 -7.54 -13.11
N ALA A 269 -0.14 -8.36 -13.03
CA ALA A 269 -0.19 -9.56 -12.21
C ALA A 269 0.29 -10.78 -12.98
N ILE A 270 0.79 -11.77 -12.24
CA ILE A 270 1.24 -13.01 -12.85
C ILE A 270 0.17 -13.54 -13.79
N GLY A 271 0.60 -14.09 -14.93
CA GLY A 271 -0.29 -14.75 -15.85
C GLY A 271 -0.86 -13.88 -16.95
N ASP A 272 -0.74 -12.57 -16.84
CA ASP A 272 -1.39 -11.70 -17.80
C ASP A 272 -0.64 -11.72 -19.13
N PRO A 273 -1.34 -11.92 -20.25
CA PRO A 273 -0.63 -12.03 -21.53
C PRO A 273 -0.07 -10.70 -21.99
N GLU A 274 -0.65 -9.59 -21.55
CA GLU A 274 -0.12 -8.29 -21.92
C GLU A 274 1.10 -7.93 -21.09
N GLY A 275 1.02 -8.09 -19.77
CA GLY A 275 2.08 -7.62 -18.91
C GLY A 275 3.28 -8.55 -18.82
N GLU A 276 3.01 -9.86 -18.81
CA GLU A 276 4.03 -10.89 -18.71
C GLU A 276 4.92 -10.70 -17.49
N MET A 277 4.37 -10.09 -16.44
CA MET A 277 5.09 -9.98 -15.17
C MET A 277 4.79 -11.20 -14.31
N CYS A 278 5.39 -11.25 -13.10
CA CYS A 278 5.32 -12.42 -12.25
C CYS A 278 4.87 -12.13 -10.82
N ALA A 279 4.28 -10.97 -10.57
CA ALA A 279 3.84 -10.66 -9.22
C ALA A 279 2.56 -11.41 -8.92
N LEU A 280 2.49 -11.96 -7.71
CA LEU A 280 1.34 -12.74 -7.29
C LEU A 280 0.18 -11.82 -6.94
N PRO A 281 -1.06 -12.30 -7.08
CA PRO A 281 -2.20 -11.47 -6.69
C PRO A 281 -2.06 -10.88 -5.29
N GLU A 282 -1.46 -11.62 -4.37
CA GLU A 282 -1.32 -11.17 -3.00
C GLU A 282 -0.55 -9.86 -2.89
N ILE A 283 0.32 -9.54 -3.86
CA ILE A 283 1.09 -8.30 -3.75
C ILE A 283 0.17 -7.09 -3.78
N PHE A 284 -0.97 -7.19 -4.48
CA PHE A 284 -1.91 -6.08 -4.50
C PHE A 284 -2.57 -5.83 -3.14
N ALA A 285 -2.63 -6.86 -2.29
CA ALA A 285 -3.09 -6.61 -0.92
C ALA A 285 -2.13 -5.71 -0.18
N HIS A 286 -0.84 -5.79 -0.51
CA HIS A 286 0.14 -4.95 0.18
C HIS A 286 0.29 -3.59 -0.48
N LEU A 287 0.26 -3.54 -1.82
CA LEU A 287 0.22 -2.26 -2.53
C LEU A 287 -0.89 -1.38 -1.98
N THR A 288 -2.08 -1.96 -1.80
CA THR A 288 -3.19 -1.23 -1.21
C THR A 288 -2.88 -0.85 0.23
N HIS A 289 -2.45 -1.84 1.02
CA HIS A 289 -2.21 -1.60 2.44
C HIS A 289 -1.17 -0.51 2.69
N LEU A 290 -0.09 -0.51 1.89
CA LEU A 290 0.97 0.46 2.13
C LEU A 290 0.53 1.88 1.81
N LEU A 291 -0.51 2.04 0.99
CA LEU A 291 -1.05 3.35 0.64
C LEU A 291 -2.15 3.82 1.60
N MET A 292 -2.70 2.95 2.44
CA MET A 292 -3.91 3.29 3.21
C MET A 292 -3.68 4.31 4.31
N PRO A 293 -2.51 4.41 4.95
CA PRO A 293 -2.31 5.51 5.91
C PRO A 293 -2.23 6.88 5.26
N LEU A 294 -2.26 6.99 3.93
CA LEU A 294 -2.24 8.31 3.31
C LEU A 294 -3.64 8.91 3.31
N ALA A 295 -3.72 10.23 3.52
CA ALA A 295 -4.96 10.99 3.33
C ALA A 295 -6.08 10.42 4.19
N ALA A 296 -5.74 10.05 5.42
CA ALA A 296 -6.67 9.46 6.38
C ALA A 296 -7.46 8.30 5.77
N GLY A 297 -6.81 7.53 4.90
CA GLY A 297 -7.41 6.36 4.29
C GLY A 297 -8.32 6.62 3.12
N LYS A 298 -8.43 7.87 2.65
CA LYS A 298 -9.37 8.21 1.58
C LYS A 298 -8.79 7.75 0.25
N MET A 299 -9.20 6.56 -0.18
CA MET A 299 -8.57 5.89 -1.31
C MET A 299 -9.64 5.46 -2.30
N CYS A 300 -9.50 5.87 -3.55
CA CYS A 300 -10.44 5.48 -4.59
C CYS A 300 -9.71 4.60 -5.59
N VAL A 301 -10.01 3.30 -5.58
CA VAL A 301 -9.41 2.33 -6.47
C VAL A 301 -10.30 2.21 -7.71
N VAL A 302 -9.76 2.48 -8.89
CA VAL A 302 -10.54 2.42 -10.12
C VAL A 302 -9.93 1.37 -11.04
N LEU A 303 -10.73 0.40 -11.45
CA LEU A 303 -10.24 -0.64 -12.33
C LEU A 303 -9.80 -0.09 -13.68
N GLU A 304 -8.65 -0.56 -14.18
CA GLU A 304 -8.18 -0.24 -15.53
C GLU A 304 -8.10 -1.54 -16.31
N GLY A 305 -6.91 -2.11 -16.52
CA GLY A 305 -6.74 -3.34 -17.25
C GLY A 305 -6.62 -4.59 -16.38
N GLY A 306 -6.42 -5.72 -17.05
CA GLY A 306 -6.39 -7.03 -16.41
C GLY A 306 -7.05 -8.02 -17.33
N TYR A 307 -6.29 -8.95 -17.91
CA TYR A 307 -6.80 -9.73 -19.03
C TYR A 307 -6.76 -11.23 -18.83
N ASN A 308 -6.10 -11.72 -17.79
CA ASN A 308 -6.19 -13.13 -17.46
C ASN A 308 -7.34 -13.27 -16.49
N LEU A 309 -8.45 -13.82 -16.95
CA LEU A 309 -9.66 -13.80 -16.15
C LEU A 309 -9.43 -14.38 -14.76
N THR A 310 -8.42 -15.22 -14.58
CA THR A 310 -8.14 -15.82 -13.28
C THR A 310 -7.27 -14.93 -12.37
N SER A 311 -6.06 -14.58 -12.79
CA SER A 311 -5.28 -13.62 -12.01
C SER A 311 -6.07 -12.33 -11.77
N LEU A 312 -7.00 -12.00 -12.67
CA LEU A 312 -7.81 -10.79 -12.51
C LEU A 312 -8.66 -10.87 -11.26
N GLY A 313 -9.47 -11.94 -11.16
CA GLY A 313 -10.32 -12.12 -10.00
C GLY A 313 -9.58 -12.15 -8.68
N GLN A 314 -8.43 -12.79 -8.63
CA GLN A 314 -7.72 -12.90 -7.36
C GLN A 314 -7.09 -11.59 -6.94
N SER A 315 -6.67 -10.75 -7.90
CA SER A 315 -6.09 -9.45 -7.52
C SER A 315 -7.17 -8.47 -7.09
N VAL A 316 -8.35 -8.48 -7.73
CA VAL A 316 -9.46 -7.64 -7.27
C VAL A 316 -9.85 -8.00 -5.83
N CYS A 317 -10.01 -9.29 -5.55
CA CYS A 317 -10.31 -9.71 -4.17
C CYS A 317 -9.23 -9.28 -3.19
N GLN A 318 -7.96 -9.54 -3.51
CA GLN A 318 -6.89 -9.10 -2.62
C GLN A 318 -6.97 -7.61 -2.36
N THR A 319 -7.32 -6.82 -3.38
CA THR A 319 -7.43 -5.37 -3.18
C THR A 319 -8.58 -5.03 -2.24
N VAL A 320 -9.75 -5.61 -2.48
CA VAL A 320 -10.91 -5.30 -1.65
C VAL A 320 -10.74 -5.83 -0.24
N HIS A 321 -10.10 -7.00 -0.09
CA HIS A 321 -9.80 -7.50 1.26
C HIS A 321 -9.06 -6.43 2.05
N SER A 322 -8.07 -5.80 1.41
CA SER A 322 -7.27 -4.80 2.11
C SER A 322 -8.06 -3.52 2.33
N LEU A 323 -8.85 -3.10 1.33
CA LEU A 323 -9.73 -1.96 1.53
C LEU A 323 -10.68 -2.20 2.69
N LEU A 324 -11.15 -3.44 2.85
CA LEU A 324 -12.05 -3.78 3.96
C LEU A 324 -11.33 -3.94 5.30
N GLY A 325 -10.00 -3.91 5.30
CA GLY A 325 -9.25 -4.06 6.54
C GLY A 325 -8.88 -5.47 6.93
N ASP A 326 -9.18 -6.47 6.10
CA ASP A 326 -8.83 -7.84 6.44
C ASP A 326 -7.31 -8.00 6.53
N PRO A 327 -6.83 -8.94 7.33
CA PRO A 327 -5.37 -9.07 7.51
C PRO A 327 -4.64 -9.43 6.23
N THR A 328 -3.43 -8.92 6.08
CA THR A 328 -2.68 -9.10 4.84
C THR A 328 -2.06 -10.51 4.78
N PRO A 329 -1.93 -11.08 3.59
CA PRO A 329 -1.22 -12.35 3.47
C PRO A 329 0.26 -12.16 3.68
N ARG A 330 0.91 -13.20 4.20
CA ARG A 330 2.36 -13.20 4.28
C ARG A 330 2.93 -13.41 2.88
N ILE A 331 3.85 -12.55 2.47
CA ILE A 331 4.57 -12.74 1.21
C ILE A 331 5.91 -13.40 1.52
N SER A 332 6.15 -14.58 0.95
CA SER A 332 7.41 -15.27 1.17
C SER A 332 8.33 -15.07 -0.03
N GLY A 333 9.61 -15.36 0.18
CA GLY A 333 10.60 -15.38 -0.89
C GLY A 333 11.05 -14.04 -1.41
N LEU A 334 10.94 -12.98 -0.61
CA LEU A 334 11.35 -11.67 -1.09
C LEU A 334 12.86 -11.53 -0.95
N GLY A 335 13.44 -10.75 -1.83
CA GLY A 335 14.86 -10.46 -1.80
C GLY A 335 15.12 -9.23 -2.62
N THR A 336 16.28 -9.20 -3.26
CA THR A 336 16.66 -8.05 -4.07
C THR A 336 15.80 -7.95 -5.33
N ALA A 337 15.47 -6.73 -5.72
CA ALA A 337 14.96 -6.50 -7.07
C ALA A 337 16.02 -6.95 -8.08
N CYS A 338 15.57 -7.30 -9.28
CA CYS A 338 16.50 -7.70 -10.33
C CYS A 338 17.29 -6.47 -10.82
N ASP A 339 18.34 -6.74 -11.59
CA ASP A 339 19.26 -5.66 -11.97
C ASP A 339 18.57 -4.60 -12.80
N SER A 340 17.75 -5.02 -13.77
CA SER A 340 16.96 -4.06 -14.55
C SER A 340 16.12 -3.15 -13.65
N ALA A 341 15.47 -3.74 -12.63
CA ALA A 341 14.63 -2.94 -11.76
C ALA A 341 15.47 -1.97 -10.95
N LEU A 342 16.61 -2.43 -10.43
CA LEU A 342 17.45 -1.52 -9.68
C LEU A 342 17.98 -0.40 -10.55
N GLU A 343 18.20 -0.67 -11.84
CA GLU A 343 18.62 0.38 -12.76
C GLU A 343 17.52 1.44 -12.93
N SER A 344 16.30 1.00 -13.23
CA SER A 344 15.17 1.94 -13.32
C SER A 344 14.96 2.67 -12.02
N ILE A 345 15.03 1.96 -10.89
CA ILE A 345 14.82 2.58 -9.60
C ILE A 345 15.87 3.65 -9.33
N GLN A 346 17.12 3.31 -9.60
CA GLN A 346 18.22 4.24 -9.35
C GLN A 346 18.16 5.42 -10.31
N ASN A 347 17.70 5.22 -11.54
CA ASN A 347 17.63 6.34 -12.46
C ASN A 347 16.50 7.30 -12.09
N VAL A 348 15.34 6.78 -11.68
CA VAL A 348 14.25 7.65 -11.23
C VAL A 348 14.68 8.42 -10.01
N ARG A 349 15.30 7.73 -9.06
CA ARG A 349 15.73 8.38 -7.83
C ARG A 349 16.69 9.52 -8.12
N ASN A 350 17.61 9.30 -9.05
CA ASN A 350 18.61 10.31 -9.36
C ASN A 350 17.95 11.53 -10.00
N VAL A 351 17.12 11.31 -11.02
CA VAL A 351 16.52 12.44 -11.72
C VAL A 351 15.53 13.18 -10.81
N GLN A 352 14.91 12.48 -9.86
CA GLN A 352 13.94 13.10 -8.95
C GLN A 352 14.59 13.76 -7.74
N SER A 353 15.90 13.63 -7.57
CA SER A 353 16.58 14.17 -6.40
C SER A 353 16.55 15.69 -6.37
N SER A 354 16.31 16.33 -7.52
CA SER A 354 16.15 17.78 -7.56
C SER A 354 14.89 18.23 -6.83
N TYR A 355 13.94 17.32 -6.62
CA TYR A 355 12.57 17.70 -6.25
C TYR A 355 12.09 17.14 -4.93
N TRP A 356 12.65 16.04 -4.44
CA TRP A 356 12.09 15.41 -3.26
C TRP A 356 13.16 15.27 -2.19
N SER A 357 12.76 15.53 -0.94
CA SER A 357 13.69 15.48 0.19
C SER A 357 14.34 14.10 0.31
N SER A 358 13.54 13.04 0.29
CA SER A 358 14.06 11.70 0.54
C SER A 358 15.09 11.26 -0.50
N PHE A 359 15.21 11.97 -1.63
CA PHE A 359 16.20 11.70 -2.64
C PHE A 359 17.34 12.73 -2.67
N LYS A 360 17.20 13.87 -1.96
CA LYS A 360 18.09 15.02 -2.15
C LYS A 360 19.55 14.70 -1.81
N HIS A 361 19.80 13.73 -0.92
CA HIS A 361 21.16 13.34 -0.61
C HIS A 361 21.89 12.74 -1.79
N LEU A 362 21.16 12.30 -2.82
CA LEU A 362 21.79 11.76 -4.01
C LEU A 362 22.49 12.83 -4.84
N ALA A 363 22.05 14.09 -4.76
CA ALA A 363 22.50 15.14 -5.69
C ALA A 363 23.90 15.68 -5.37
N GLN A 364 24.34 15.66 -4.11
CA GLN A 364 25.66 16.16 -3.75
C GLN A 364 26.53 14.98 -3.32
N SER A 365 27.70 14.86 -3.94
CA SER A 365 28.58 13.73 -3.62
C SER A 365 29.08 13.78 -2.18
N GLU A 366 28.96 14.93 -1.51
CA GLU A 366 29.16 14.98 -0.06
C GLU A 366 28.19 14.05 0.67
N THR A 367 27.00 13.84 0.11
CA THR A 367 25.90 13.18 0.81
C THR A 367 25.50 11.83 0.23
N ASN A 368 25.84 11.54 -1.04
CA ASN A 368 25.31 10.35 -1.76
C ASN A 368 25.86 9.03 -1.19
N ASP A 399 0.35 -22.47 -20.37
CA ASP A 399 -0.62 -21.89 -19.45
C ASP A 399 0.04 -21.66 -18.08
N ILE A 400 0.10 -20.38 -17.67
CA ILE A 400 0.78 -20.02 -16.42
C ILE A 400 -0.06 -20.45 -15.23
N VAL A 401 0.58 -21.05 -14.23
CA VAL A 401 -0.09 -21.59 -13.06
C VAL A 401 0.64 -21.09 -11.82
N TRP A 402 -0.13 -20.86 -10.74
CA TRP A 402 0.41 -20.42 -9.46
C TRP A 402 -0.60 -20.78 -8.37
N PRO A 403 -0.19 -20.79 -7.11
CA PRO A 403 -1.11 -21.21 -6.05
C PRO A 403 -2.28 -20.24 -5.86
N GLU A 404 -3.46 -20.82 -5.62
CA GLU A 404 -4.64 -20.02 -5.28
C GLU A 404 -4.42 -19.32 -3.93
N PRO A 405 -4.70 -18.02 -3.81
CA PRO A 405 -4.43 -17.32 -2.55
C PRO A 405 -5.18 -17.91 -1.36
N LEU A 406 -4.51 -17.94 -0.21
CA LEU A 406 -5.12 -18.40 1.04
C LEU A 406 -6.32 -17.54 1.42
N LYS A 407 -7.13 -18.05 2.35
CA LYS A 407 -8.31 -17.33 2.79
C LYS A 407 -7.93 -16.19 3.71
N ARG A 408 -8.57 -15.03 3.52
CA ARG A 408 -8.45 -13.91 4.43
C ARG A 408 -9.81 -13.67 5.10
N MET A 409 -9.83 -13.76 6.43
CA MET A 409 -11.05 -13.63 7.20
C MET A 409 -10.78 -12.60 8.29
N PRO A 410 -11.68 -11.62 8.47
CA PRO A 410 -11.50 -10.68 9.59
C PRO A 410 -11.66 -11.39 10.93
N ALA A 411 -10.79 -11.03 11.87
CA ALA A 411 -10.90 -11.53 13.24
C ALA A 411 -12.20 -11.02 13.89
N SER A 412 -12.87 -11.91 14.63
CA SER A 412 -14.14 -11.55 15.30
C SER A 412 -13.94 -10.37 16.24
N VAL A 413 -12.96 -10.47 17.13
CA VAL A 413 -12.39 -9.34 17.86
C VAL A 413 -11.02 -9.07 17.26
N ARG A 414 -10.83 -7.88 16.69
CA ARG A 414 -9.55 -7.61 16.04
C ARG A 414 -8.44 -7.38 17.05
N THR A 415 -8.68 -6.54 18.05
CA THR A 415 -7.62 -6.06 18.92
C THR A 415 -8.00 -6.24 20.38
N VAL A 416 -7.16 -6.94 21.14
CA VAL A 416 -7.34 -7.10 22.57
C VAL A 416 -6.50 -6.05 23.28
N VAL A 417 -7.02 -5.51 24.39
CA VAL A 417 -6.34 -4.46 25.13
C VAL A 417 -6.31 -4.85 26.60
N VAL A 418 -5.17 -4.60 27.24
CA VAL A 418 -5.00 -4.87 28.65
C VAL A 418 -4.47 -3.60 29.30
N PRO A 419 -5.34 -2.65 29.66
CA PRO A 419 -4.88 -1.42 30.33
C PRO A 419 -4.54 -1.72 31.78
N PRO A 420 -3.91 -0.78 32.48
CA PRO A 420 -3.59 -1.03 33.90
C PRO A 420 -4.83 -1.33 34.69
N PRO A 421 -4.72 -2.08 35.78
CA PRO A 421 -5.91 -2.54 36.51
C PRO A 421 -6.82 -1.38 36.91
N GLY A 422 -8.12 -1.54 36.65
CA GLY A 422 -9.11 -0.52 36.95
C GLY A 422 -9.34 0.49 35.85
N VAL A 423 -8.33 0.80 35.04
CA VAL A 423 -8.47 1.75 33.94
C VAL A 423 -9.37 1.13 32.88
N GLU A 424 -10.58 1.66 32.73
CA GLU A 424 -11.42 1.33 31.60
C GLU A 424 -11.35 2.47 30.58
N LEU A 425 -11.43 2.11 29.31
CA LEU A 425 -11.29 3.08 28.23
C LEU A 425 -12.42 2.89 27.23
N THR A 426 -12.83 3.99 26.59
CA THR A 426 -13.76 3.92 25.47
C THR A 426 -13.07 3.17 24.33
N LEU A 427 -13.55 1.96 24.00
CA LEU A 427 -12.86 1.13 23.02
C LEU A 427 -13.62 1.09 21.70
N PRO A 428 -12.90 1.07 20.58
CA PRO A 428 -13.55 0.86 19.27
C PRO A 428 -14.34 -0.43 19.25
N LYS A 429 -15.35 -0.47 18.37
CA LYS A 429 -16.35 -1.54 18.40
C LYS A 429 -15.75 -2.92 18.16
N ASN A 430 -14.49 -3.01 17.74
CA ASN A 430 -13.79 -4.27 17.50
C ASN A 430 -12.56 -4.42 18.39
N CYS A 431 -12.69 -4.02 19.67
CA CYS A 431 -11.65 -4.25 20.67
C CYS A 431 -12.28 -4.65 21.98
N GLN A 432 -11.60 -5.54 22.73
CA GLN A 432 -12.05 -5.95 24.04
C GLN A 432 -10.93 -5.78 25.06
N HIS A 433 -11.31 -5.72 26.33
CA HIS A 433 -10.34 -5.95 27.38
C HIS A 433 -9.99 -7.43 27.43
N SER A 434 -8.87 -7.76 28.08
CA SER A 434 -8.28 -9.11 27.98
C SER A 434 -9.27 -10.24 28.26
N ILE A 437 -8.14 -14.38 31.91
CA ILE A 437 -6.85 -14.90 32.38
C ILE A 437 -7.04 -16.27 33.03
N SER A 438 -7.12 -17.30 32.18
CA SER A 438 -7.48 -18.66 32.59
C SER A 438 -6.61 -19.22 33.70
N GLU A 439 -7.08 -20.27 34.36
CA GLU A 439 -6.25 -21.00 35.32
C GLU A 439 -5.19 -21.83 34.61
N SER A 440 -5.54 -22.39 33.45
CA SER A 440 -4.57 -23.12 32.64
C SER A 440 -3.33 -22.27 32.36
N THR A 441 -3.54 -21.03 31.93
CA THR A 441 -2.40 -20.15 31.69
C THR A 441 -1.80 -19.64 33.00
N ALA A 442 -2.61 -19.53 34.05
CA ALA A 442 -2.09 -19.15 35.36
C ALA A 442 -1.13 -20.21 35.91
N LYS A 443 -1.32 -21.47 35.51
CA LYS A 443 -0.33 -22.51 35.81
C LYS A 443 0.99 -22.22 35.12
N GLU A 444 0.94 -21.86 33.83
CA GLU A 444 2.17 -21.61 33.07
C GLU A 444 3.02 -20.52 33.70
N VAL A 445 2.38 -19.46 34.19
CA VAL A 445 3.15 -18.37 34.79
C VAL A 445 3.86 -18.85 36.05
N GLN A 446 3.25 -19.77 36.81
CA GLN A 446 3.95 -20.35 37.97
C GLN A 446 5.19 -21.11 37.52
N ARG A 447 5.03 -22.01 36.54
CA ARG A 447 6.14 -22.78 35.98
C ARG A 447 7.32 -21.88 35.59
N ILE A 448 7.04 -20.86 34.77
CA ILE A 448 8.09 -19.92 34.36
C ILE A 448 8.67 -19.19 35.57
N ARG A 449 7.82 -18.75 36.50
CA ARG A 449 8.31 -18.03 37.66
C ARG A 449 9.28 -18.88 38.47
N ASP A 450 9.00 -20.18 38.57
CA ASP A 450 9.82 -21.06 39.40
C ASP A 450 11.20 -21.30 38.80
N LYS A 451 11.30 -21.34 37.47
CA LYS A 451 12.57 -21.64 36.82
C LYS A 451 13.42 -20.39 36.60
N HIS A 452 12.89 -19.43 35.83
CA HIS A 452 13.67 -18.30 35.34
C HIS A 452 13.58 -17.07 36.24
N PHE A 453 12.63 -17.04 37.18
CA PHE A 453 12.46 -15.87 38.03
C PHE A 453 12.06 -16.26 39.45
N ASP A 455 14.21 -14.73 43.09
CA ASP A 455 12.98 -14.97 42.34
C ASP A 455 12.05 -13.75 42.34
N LEU A 456 11.00 -13.81 41.51
CA LEU A 456 10.07 -12.70 41.36
C LEU A 456 8.78 -13.00 42.14
N THR A 457 8.30 -11.97 42.85
CA THR A 457 7.08 -12.11 43.63
C THR A 457 6.13 -10.92 43.51
N ASP A 458 6.59 -9.76 43.02
CA ASP A 458 5.76 -8.64 42.58
C ASP A 458 4.51 -9.13 41.84
N GLN A 459 3.44 -9.48 42.57
CA GLN A 459 2.28 -10.15 42.01
C GLN A 459 1.56 -9.37 40.90
N ASN A 460 2.07 -8.19 40.57
CA ASN A 460 1.52 -7.39 39.48
C ASN A 460 2.15 -7.72 38.15
N ILE A 461 3.49 -7.67 38.09
CA ILE A 461 4.26 -8.26 37.02
C ILE A 461 3.72 -9.64 36.66
N LEU A 462 3.44 -10.45 37.68
CA LEU A 462 2.93 -11.78 37.40
C LEU A 462 1.55 -11.75 36.76
N ARG A 463 0.81 -10.66 36.94
CA ARG A 463 -0.42 -10.46 36.16
C ARG A 463 -0.09 -10.06 34.72
N SER A 464 0.90 -9.17 34.55
CA SER A 464 1.41 -8.84 33.22
C SER A 464 1.70 -10.10 32.42
N LEU A 465 2.43 -11.05 33.03
CA LEU A 465 2.79 -12.29 32.34
C LEU A 465 1.56 -13.12 32.01
N GLY A 466 0.58 -13.16 32.91
CA GLY A 466 -0.66 -13.81 32.56
C GLY A 466 -1.34 -13.14 31.38
N ASN A 467 -1.27 -11.81 31.34
CA ASN A 467 -1.89 -11.08 30.24
C ASN A 467 -1.21 -11.40 28.91
N ILE A 468 0.12 -11.24 28.88
CA ILE A 468 0.88 -11.51 27.66
C ILE A 468 0.57 -12.91 27.13
N ILE A 469 0.67 -13.91 27.99
CA ILE A 469 0.40 -15.28 27.55
C ILE A 469 -1.03 -15.42 27.06
N SER A 470 -1.99 -14.82 27.79
CA SER A 470 -3.40 -14.93 27.40
C SER A 470 -3.66 -14.25 26.06
N VAL A 471 -3.11 -13.05 25.87
CA VAL A 471 -3.27 -12.36 24.59
C VAL A 471 -2.57 -13.12 23.47
N LEU A 472 -1.30 -13.49 23.66
CA LEU A 472 -0.54 -14.22 22.64
C LEU A 472 -1.24 -15.53 22.24
N ASP A 473 -1.76 -16.29 23.22
CA ASP A 473 -2.47 -17.51 22.88
C ASP A 473 -3.69 -17.20 22.02
N ARG A 474 -4.46 -16.16 22.38
CA ARG A 474 -5.60 -15.79 21.55
C ARG A 474 -5.17 -15.34 20.15
N MET A 475 -4.00 -14.69 20.05
CA MET A 475 -3.54 -14.20 18.75
C MET A 475 -3.17 -15.33 17.81
N MET A 476 -2.39 -16.31 18.29
CA MET A 476 -1.89 -17.35 17.40
C MET A 476 -2.81 -18.56 17.32
N ARG A 477 -3.41 -19.00 18.44
CA ARG A 477 -4.29 -20.15 18.38
C ARG A 477 -5.56 -19.84 17.59
N SER A 478 -6.17 -18.70 17.83
CA SER A 478 -7.46 -18.37 17.24
C SER A 478 -7.32 -17.47 16.02
N ASP A 479 -8.23 -17.65 15.08
CA ASP A 479 -8.43 -16.74 13.96
C ASP A 479 -9.50 -15.69 14.25
N GLU A 480 -9.88 -15.51 15.52
CA GLU A 480 -10.87 -14.51 15.90
C GLU A 480 -10.31 -13.43 16.83
N VAL A 481 -9.03 -13.51 17.20
CA VAL A 481 -8.28 -12.34 17.70
C VAL A 481 -7.04 -12.18 16.83
N CYS A 482 -6.76 -10.94 16.42
CA CYS A 482 -5.67 -10.70 15.49
C CYS A 482 -4.43 -10.12 16.15
N ASN A 483 -4.57 -9.05 16.93
CA ASN A 483 -3.42 -8.43 17.58
C ASN A 483 -3.89 -7.90 18.93
N GLY A 484 -3.03 -7.13 19.59
CA GLY A 484 -3.31 -6.79 20.97
C GLY A 484 -2.24 -5.90 21.52
N CYS A 485 -2.61 -5.14 22.55
CA CYS A 485 -1.65 -4.31 23.26
C CYS A 485 -1.78 -4.57 24.75
N VAL A 486 -0.65 -4.62 25.45
CA VAL A 486 -0.62 -4.86 26.88
C VAL A 486 0.28 -3.80 27.53
N VAL A 487 -0.21 -3.19 28.60
CA VAL A 487 0.59 -2.27 29.39
C VAL A 487 1.32 -3.09 30.45
N VAL A 488 2.61 -2.79 30.64
CA VAL A 488 3.45 -3.56 31.55
C VAL A 488 4.33 -2.60 32.34
N SER A 489 4.93 -3.11 33.41
CA SER A 489 5.83 -2.33 34.26
C SER A 489 7.28 -2.76 34.12
N ASP A 490 7.55 -4.06 34.20
CA ASP A 490 8.90 -4.58 34.05
C ASP A 490 9.08 -5.00 32.61
N LEU A 491 10.00 -4.33 31.91
CA LEU A 491 10.19 -4.61 30.49
C LEU A 491 10.84 -5.96 30.28
N SER A 492 11.94 -6.24 30.99
CA SER A 492 12.79 -7.37 30.64
C SER A 492 12.07 -8.71 30.88
N VAL A 493 11.41 -8.86 32.03
CA VAL A 493 10.69 -10.10 32.26
C VAL A 493 9.51 -10.22 31.31
N SER A 494 8.79 -9.12 31.07
CA SER A 494 7.68 -9.14 30.14
C SER A 494 8.16 -9.49 28.72
N VAL A 495 9.20 -8.78 28.24
CA VAL A 495 9.76 -9.08 26.92
C VAL A 495 10.19 -10.54 26.82
N GLN A 496 10.93 -11.03 27.83
CA GLN A 496 11.43 -12.40 27.83
C GLN A 496 10.30 -13.42 27.60
N CYS A 497 9.27 -13.41 28.45
CA CYS A 497 8.20 -14.40 28.31
C CYS A 497 7.39 -14.17 27.03
N ALA A 498 7.13 -12.92 26.69
CA ALA A 498 6.48 -12.65 25.41
C ALA A 498 7.25 -13.31 24.27
N LEU A 499 8.55 -13.06 24.22
CA LEU A 499 9.38 -13.60 23.15
C LEU A 499 9.46 -15.12 23.24
N GLN A 500 9.77 -15.65 24.43
CA GLN A 500 9.91 -17.09 24.60
C GLN A 500 8.60 -17.84 24.39
N HIS A 501 7.48 -17.21 24.71
CA HIS A 501 6.21 -17.91 24.48
C HIS A 501 5.88 -17.91 23.00
N ALA A 502 6.27 -16.87 22.28
CA ALA A 502 6.01 -16.83 20.84
C ALA A 502 6.89 -17.83 20.11
N LEU A 503 8.18 -17.88 20.48
CA LEU A 503 9.14 -18.77 19.84
C LEU A 503 8.88 -20.24 20.11
N THR A 504 7.94 -20.57 20.99
CA THR A 504 7.65 -21.96 21.30
C THR A 504 6.30 -22.44 20.81
N GLU A 505 5.42 -21.55 20.34
CA GLU A 505 4.11 -21.94 19.83
C GLU A 505 4.13 -23.05 18.76
N PRO A 506 5.06 -23.08 17.77
CA PRO A 506 6.13 -22.13 17.48
C PRO A 506 5.81 -21.14 16.36
N ALA A 507 6.12 -19.87 16.63
CA ALA A 507 6.20 -18.83 15.61
C ALA A 507 7.61 -18.87 15.03
N GLU A 508 7.73 -19.35 13.79
CA GLU A 508 9.06 -19.55 13.20
C GLU A 508 9.95 -18.32 13.41
N ARG A 509 9.42 -17.13 13.12
CA ARG A 509 10.21 -15.91 13.12
C ARG A 509 9.45 -14.82 13.88
N VAL A 510 10.21 -13.96 14.55
CA VAL A 510 9.67 -12.86 15.34
C VAL A 510 10.42 -11.59 14.98
N LEU A 511 9.71 -10.59 14.48
CA LEU A 511 10.26 -9.25 14.34
C LEU A 511 9.96 -8.48 15.61
N VAL A 512 10.99 -7.84 16.16
CA VAL A 512 10.91 -7.09 17.40
C VAL A 512 11.23 -5.65 17.06
N VAL A 513 10.32 -4.74 17.39
CA VAL A 513 10.54 -3.31 17.16
C VAL A 513 10.51 -2.61 18.51
N TYR A 514 11.61 -1.98 18.88
CA TYR A 514 11.82 -1.51 20.23
C TYR A 514 12.19 -0.04 20.19
N VAL A 515 11.37 0.80 20.79
CA VAL A 515 11.62 2.24 20.90
C VAL A 515 12.13 2.48 22.31
N GLY A 516 13.43 2.65 22.45
CA GLY A 516 14.02 2.92 23.74
C GLY A 516 15.50 2.62 23.76
N ASP A 517 16.10 2.88 24.91
CA ASP A 517 17.51 2.63 25.10
C ASP A 517 17.72 1.44 26.01
N GLY A 518 18.95 0.96 26.05
CA GLY A 518 19.23 -0.20 26.86
C GLY A 518 19.20 -1.48 26.05
N GLU A 519 19.74 -2.54 26.65
CA GLU A 519 19.74 -3.85 26.03
C GLU A 519 18.56 -4.63 26.60
N LEU A 520 17.82 -5.29 25.71
CA LEU A 520 16.73 -6.13 26.16
C LEU A 520 17.15 -7.59 26.12
N PRO A 521 16.52 -8.44 26.92
CA PRO A 521 16.83 -9.87 26.85
C PRO A 521 16.33 -10.51 25.56
N VAL A 522 16.92 -10.12 24.42
CA VAL A 522 16.58 -10.71 23.13
C VAL A 522 17.87 -11.20 22.49
N LYS A 523 17.94 -12.52 22.23
CA LYS A 523 19.10 -13.15 21.61
C LYS A 523 18.81 -13.28 20.11
N THR A 524 19.25 -12.27 19.36
CA THR A 524 18.99 -12.22 17.93
C THR A 524 20.21 -12.71 17.15
N ASN A 525 20.61 -13.96 17.40
CA ASN A 525 21.68 -14.58 16.62
C ASN A 525 21.46 -16.09 16.50
N ASP A 526 20.29 -16.45 16.01
CA ASP A 526 20.00 -17.79 15.53
C ASP A 526 19.21 -17.73 14.25
N GLY A 527 18.93 -16.53 13.75
CA GLY A 527 18.11 -16.32 12.58
C GLY A 527 16.62 -16.23 12.83
N LYS A 528 16.15 -16.48 14.05
CA LYS A 528 14.70 -16.49 14.25
C LYS A 528 14.16 -15.15 14.72
N VAL A 529 15.02 -14.24 15.14
CA VAL A 529 14.62 -12.93 15.63
C VAL A 529 15.41 -11.88 14.86
N PHE A 530 14.72 -10.83 14.42
CA PHE A 530 15.36 -9.61 13.93
C PHE A 530 14.92 -8.46 14.81
N LEU A 531 15.85 -7.61 15.24
CA LEU A 531 15.56 -6.55 16.20
C LEU A 531 15.79 -5.18 15.56
N VAL A 532 14.70 -4.43 15.39
CA VAL A 532 14.76 -3.01 15.06
C VAL A 532 14.72 -2.23 16.36
N GLN A 533 15.69 -1.36 16.57
CA GLN A 533 15.76 -0.59 17.81
C GLN A 533 15.92 0.88 17.45
N ILE A 534 15.02 1.71 17.97
CA ILE A 534 15.02 3.14 17.77
C ILE A 534 15.44 3.76 19.09
N CYS A 535 16.67 4.24 19.15
CA CYS A 535 17.29 4.68 20.40
C CYS A 535 17.81 6.10 20.26
N THR A 536 18.44 6.57 21.34
CA THR A 536 18.93 7.93 21.44
C THR A 536 20.45 8.01 21.64
N LYS A 537 21.14 6.88 21.82
CA LYS A 537 22.57 6.84 21.99
C LYS A 537 23.20 6.04 20.86
N GLU A 538 24.24 6.61 20.24
CA GLU A 538 24.86 6.01 19.05
C GLU A 538 25.63 4.75 19.45
N THR A 539 25.10 3.58 19.11
CA THR A 539 25.70 2.32 19.51
C THR A 539 26.03 1.48 18.28
N GLU A 540 27.30 1.10 18.16
CA GLU A 540 27.74 0.28 17.04
C GLU A 540 27.12 -1.11 17.16
N ASP A 541 26.43 -1.54 16.10
CA ASP A 541 25.92 -2.90 16.00
C ASP A 541 26.70 -3.68 14.95
N LYS A 542 26.96 -4.96 15.23
CA LYS A 542 27.93 -5.73 14.48
C LYS A 542 27.30 -6.56 13.38
N CYS A 543 26.23 -7.27 13.70
CA CYS A 543 25.72 -8.33 12.83
C CYS A 543 24.40 -7.95 12.19
N VAL A 544 24.03 -8.69 11.15
CA VAL A 544 23.02 -8.24 10.21
C VAL A 544 21.62 -8.70 10.60
N ASN A 545 21.43 -9.01 11.88
CA ASN A 545 20.08 -9.26 12.37
C ASN A 545 19.60 -8.19 13.34
N ARG A 546 20.32 -7.08 13.43
CA ARG A 546 19.92 -5.92 14.20
C ARG A 546 20.01 -4.69 13.30
N LEU A 547 19.03 -3.81 13.45
CA LEU A 547 19.02 -2.50 12.81
C LEU A 547 18.82 -1.49 13.92
N THR A 548 19.84 -0.69 14.22
CA THR A 548 19.81 0.27 15.32
C THR A 548 19.87 1.67 14.72
N LEU A 549 18.88 2.50 15.07
CA LEU A 549 18.76 3.83 14.53
C LEU A 549 18.79 4.84 15.67
N CYS A 550 19.80 5.69 15.67
CA CYS A 550 19.89 6.81 16.61
C CYS A 550 19.70 8.08 15.82
N LEU A 551 18.54 8.70 15.96
CA LEU A 551 18.20 9.90 15.20
C LEU A 551 18.39 11.13 16.07
N ARG A 552 19.26 12.04 15.63
CA ARG A 552 19.53 13.28 16.36
C ARG A 552 18.21 13.96 16.73
N GLU A 553 18.06 14.26 18.02
CA GLU A 553 16.86 14.92 18.52
C GLU A 553 16.68 16.30 17.87
N GLY A 554 15.44 16.75 17.82
CA GLY A 554 15.14 18.03 17.19
C GLY A 554 13.81 17.98 16.46
N GLU A 555 13.51 19.10 15.78
CA GLU A 555 12.25 19.23 15.05
C GLU A 555 12.18 18.26 13.87
N SER A 556 13.32 18.01 13.19
CA SER A 556 13.40 17.06 12.08
C SER A 556 13.26 15.59 12.52
N LEU A 557 12.97 15.29 13.78
CA LEU A 557 12.87 13.90 14.21
C LEU A 557 11.76 13.17 13.46
N THR A 558 10.67 13.86 13.13
CA THR A 558 9.54 13.14 12.53
C THR A 558 9.85 12.67 11.12
N ALA A 559 10.45 13.54 10.29
CA ALA A 559 10.75 13.14 8.92
C ALA A 559 11.82 12.04 8.88
N GLY A 560 12.83 12.13 9.74
CA GLY A 560 13.86 11.10 9.76
C GLY A 560 13.30 9.72 10.08
N PHE A 561 12.42 9.65 11.08
CA PHE A 561 11.76 8.38 11.38
C PHE A 561 11.02 7.83 10.16
N MET A 562 10.20 8.67 9.50
CA MET A 562 9.48 8.21 8.32
C MET A 562 10.43 7.70 7.24
N GLN A 563 11.58 8.34 7.09
CA GLN A 563 12.51 7.93 6.04
C GLN A 563 13.10 6.56 6.34
N ALA A 564 13.44 6.29 7.60
CA ALA A 564 13.93 4.97 7.98
C ALA A 564 12.83 3.92 7.93
N LEU A 565 11.59 4.29 8.27
CA LEU A 565 10.48 3.35 8.22
C LEU A 565 10.27 2.84 6.80
N LEU A 566 10.19 3.76 5.84
CA LEU A 566 9.91 3.39 4.45
C LEU A 566 11.13 2.78 3.78
N GLY A 567 12.31 3.29 4.09
CA GLY A 567 13.51 2.89 3.37
C GLY A 567 14.34 1.79 4.00
N LEU A 568 14.11 1.48 5.28
CA LEU A 568 14.93 0.47 5.94
C LEU A 568 14.09 -0.56 6.70
N ILE A 569 13.25 -0.10 7.63
CA ILE A 569 12.49 -1.02 8.48
C ILE A 569 11.55 -1.86 7.63
N LEU A 570 10.79 -1.20 6.75
CA LEU A 570 9.86 -1.96 5.92
C LEU A 570 10.57 -2.91 4.96
N PRO A 571 11.57 -2.48 4.17
CA PRO A 571 12.23 -3.45 3.29
C PRO A 571 12.78 -4.66 4.03
N VAL A 572 13.43 -4.46 5.19
CA VAL A 572 13.96 -5.62 5.92
C VAL A 572 12.85 -6.48 6.46
N ALA A 573 11.83 -5.85 7.08
CA ALA A 573 10.78 -6.64 7.72
C ALA A 573 10.11 -7.55 6.71
N TYR A 574 9.89 -7.04 5.48
CA TYR A 574 9.21 -7.84 4.48
C TYR A 574 10.06 -9.02 4.04
N GLU A 575 11.35 -8.79 3.80
CA GLU A 575 12.21 -9.93 3.47
C GLU A 575 12.22 -10.93 4.61
N PHE A 576 12.39 -10.44 5.84
CA PHE A 576 12.42 -11.31 7.00
C PHE A 576 11.16 -12.17 7.09
N ASN A 577 9.99 -11.56 6.87
CA ASN A 577 8.72 -12.25 6.86
C ASN A 577 8.43 -12.91 8.21
N PRO A 578 8.27 -12.14 9.29
CA PRO A 578 8.07 -12.73 10.61
C PRO A 578 6.71 -13.38 10.72
N ALA A 579 6.57 -14.27 11.68
CA ALA A 579 5.25 -14.81 11.99
C ALA A 579 4.58 -14.04 13.13
N LEU A 580 5.33 -13.20 13.84
CA LEU A 580 4.78 -12.34 14.87
C LEU A 580 5.65 -11.11 14.96
N VAL A 581 5.03 -9.95 15.17
CA VAL A 581 5.73 -8.69 15.39
C VAL A 581 5.54 -8.33 16.85
N LEU A 582 6.62 -8.00 17.54
CA LEU A 582 6.56 -7.60 18.94
C LEU A 582 7.04 -6.15 19.06
N GLY A 583 6.11 -5.24 19.38
CA GLY A 583 6.47 -3.85 19.61
C GLY A 583 6.70 -3.58 21.09
N ILE A 584 7.68 -2.72 21.38
CA ILE A 584 8.14 -2.49 22.75
C ILE A 584 8.49 -1.02 22.88
N VAL A 585 7.80 -0.32 23.78
CA VAL A 585 8.01 1.09 24.06
C VAL A 585 8.33 1.23 25.53
N GLU A 586 9.43 1.90 25.86
CA GLU A 586 9.72 2.13 27.27
C GLU A 586 9.31 3.55 27.67
N GLU A 587 9.05 3.73 28.97
CA GLU A 587 8.32 4.90 29.44
C GLU A 587 9.03 6.20 29.09
N THR A 588 10.35 6.18 28.94
CA THR A 588 11.08 7.34 28.48
C THR A 588 10.99 7.49 26.95
N THR A 592 5.22 10.81 23.76
CA THR A 592 6.21 11.88 23.78
C THR A 592 6.71 12.19 22.35
N ARG A 593 8.02 11.97 22.10
CA ARG A 593 8.55 12.19 20.76
C ARG A 593 7.94 11.22 19.75
N LEU A 594 7.60 10.00 20.19
CA LEU A 594 7.10 8.97 19.30
C LEU A 594 5.68 9.27 18.82
N MET A 595 4.89 9.99 19.62
CA MET A 595 3.45 10.10 19.39
C MET A 595 3.10 10.55 17.97
N ARG A 596 4.00 11.26 17.28
CA ARG A 596 3.64 11.74 15.95
C ARG A 596 3.74 10.67 14.86
N VAL A 597 4.52 9.61 15.06
CA VAL A 597 4.73 8.59 14.04
C VAL A 597 4.32 7.20 14.45
N TRP A 598 4.06 6.95 15.74
CA TRP A 598 3.82 5.58 16.18
C TRP A 598 2.64 4.95 15.44
N GLY A 599 1.65 5.77 15.06
CA GLY A 599 0.47 5.24 14.41
C GLY A 599 0.73 4.81 12.99
N HIS A 600 1.52 5.58 12.25
CA HIS A 600 1.89 5.15 10.91
C HIS A 600 2.65 3.84 10.95
N MET A 601 3.59 3.72 11.87
CA MET A 601 4.35 2.49 11.93
C MET A 601 3.48 1.32 12.35
N THR A 602 2.62 1.52 13.35
CA THR A 602 1.76 0.42 13.75
C THR A 602 0.89 -0.03 12.60
N CYS A 603 0.43 0.92 11.79
CA CYS A 603 -0.39 0.58 10.64
C CYS A 603 0.42 -0.11 9.54
N LEU A 604 1.56 0.46 9.16
CA LEU A 604 2.33 -0.14 8.09
C LEU A 604 2.88 -1.51 8.48
N ILE A 605 3.35 -1.64 9.73
CA ILE A 605 3.99 -2.87 10.19
C ILE A 605 3.01 -4.02 10.23
N GLN A 606 1.71 -3.76 10.18
CA GLN A 606 0.72 -4.84 10.10
C GLN A 606 0.67 -5.51 8.74
N GLY A 607 1.38 -4.99 7.73
CA GLY A 607 1.63 -5.79 6.54
C GLY A 607 2.39 -7.07 6.83
N LEU A 608 3.08 -7.16 7.97
CA LEU A 608 3.81 -8.38 8.31
C LEU A 608 3.00 -9.28 9.22
N ALA A 609 3.34 -10.58 9.17
CA ALA A 609 2.82 -11.59 10.11
C ALA A 609 1.29 -11.66 10.12
N ARG A 610 0.66 -11.43 8.97
CA ARG A 610 -0.80 -11.39 8.86
C ARG A 610 -1.43 -10.48 9.91
N GLY A 611 -0.72 -9.41 10.26
CA GLY A 611 -1.25 -8.45 11.19
C GLY A 611 -1.05 -8.80 12.63
N ARG A 612 -0.47 -9.97 12.94
CA ARG A 612 -0.30 -10.43 14.33
C ARG A 612 0.84 -9.66 14.98
N MET A 613 0.50 -8.60 15.72
CA MET A 613 1.45 -7.77 16.45
C MET A 613 1.03 -7.65 17.91
N LEU A 614 2.00 -7.79 18.82
CA LEU A 614 1.76 -7.60 20.24
C LEU A 614 2.64 -6.48 20.73
N THR A 615 2.02 -5.40 21.21
CA THR A 615 2.73 -4.22 21.67
C THR A 615 2.76 -4.17 23.20
N LEU A 616 3.96 -4.06 23.77
CA LEU A 616 4.16 -3.88 25.20
C LEU A 616 4.46 -2.40 25.43
N LEU A 617 3.56 -1.70 26.13
CA LEU A 617 3.81 -0.32 26.52
C LEU A 617 4.22 -0.30 27.98
N GLN A 618 5.42 0.20 28.26
CA GLN A 618 5.95 0.22 29.61
C GLN A 618 5.50 1.50 30.32
N GLY A 619 4.61 1.34 31.30
CA GLY A 619 3.95 2.46 31.94
C GLY A 619 2.62 2.78 31.29
N TYR A 620 1.86 3.66 31.95
CA TYR A 620 0.58 4.11 31.43
C TYR A 620 0.78 5.44 30.73
N ASP A 621 0.10 5.59 29.59
CA ASP A 621 0.16 6.84 28.83
C ASP A 621 -1.09 6.80 27.94
N LYS A 622 -2.19 7.36 28.45
CA LYS A 622 -3.49 7.18 27.82
C LYS A 622 -3.46 7.52 26.33
N ASP A 623 -2.63 8.50 25.94
CA ASP A 623 -2.60 8.91 24.54
C ASP A 623 -1.83 7.93 23.67
N LEU A 624 -0.67 7.48 24.14
CA LEU A 624 0.05 6.45 23.40
C LEU A 624 -0.78 5.18 23.33
N LEU A 625 -1.46 4.83 24.43
CA LEU A 625 -2.27 3.61 24.44
C LEU A 625 -3.49 3.76 23.55
N GLU A 626 -4.10 4.94 23.52
CA GLU A 626 -5.25 5.14 22.64
C GLU A 626 -4.84 5.05 21.17
N LEU A 627 -3.69 5.65 20.83
CA LEU A 627 -3.21 5.65 19.46
C LEU A 627 -2.85 4.24 19.00
N THR A 628 -2.14 3.48 19.84
CA THR A 628 -1.76 2.12 19.49
C THR A 628 -2.99 1.26 19.22
N VAL A 629 -3.94 1.27 20.15
CA VAL A 629 -5.17 0.51 19.95
C VAL A 629 -5.88 0.96 18.66
N SER A 630 -5.86 2.26 18.38
CA SER A 630 -6.57 2.76 17.20
C SER A 630 -5.95 2.22 15.92
N ALA A 631 -4.62 2.28 15.83
CA ALA A 631 -3.97 1.72 14.63
C ALA A 631 -4.06 0.20 14.62
N LEU A 632 -3.84 -0.45 15.77
CA LEU A 632 -4.00 -1.91 15.81
C LEU A 632 -5.39 -2.34 15.34
N SER A 633 -6.41 -1.55 15.66
CA SER A 633 -7.80 -1.95 15.39
C SER A 633 -8.23 -1.63 13.97
N GLY A 634 -7.38 -0.98 13.17
CA GLY A 634 -7.67 -0.70 11.78
C GLY A 634 -8.26 0.65 11.51
N ALA A 635 -8.27 1.55 12.49
CA ALA A 635 -8.83 2.88 12.31
C ALA A 635 -7.97 3.70 11.35
N SER A 636 -8.53 4.83 10.93
CA SER A 636 -7.80 5.77 10.10
C SER A 636 -6.64 6.40 10.85
N ILE A 637 -5.53 6.60 10.16
CA ILE A 637 -4.36 7.27 10.68
C ILE A 637 -4.43 8.74 10.28
N SER A 638 -4.30 9.63 11.24
CA SER A 638 -4.40 11.04 10.92
C SER A 638 -3.12 11.50 10.21
N PRO A 639 -3.24 12.39 9.22
CA PRO A 639 -2.08 12.69 8.36
C PRO A 639 -0.93 13.32 9.12
N LEU A 640 0.26 13.16 8.55
CA LEU A 640 1.47 13.74 9.15
C LEU A 640 1.59 15.22 8.81
N GLY A 641 1.15 15.60 7.61
CA GLY A 641 1.22 16.97 7.17
C GLY A 641 2.60 17.36 6.69
N PRO A 642 2.95 18.65 6.88
CA PRO A 642 4.27 19.14 6.43
C PRO A 642 5.34 18.92 7.48
N LEU A 643 6.42 18.23 7.11
CA LEU A 643 7.51 17.95 8.02
C LEU A 643 8.81 18.61 7.54
N ARG A 644 9.58 19.14 8.49
CA ARG A 644 10.92 19.63 8.19
C ARG A 644 11.77 18.47 7.66
N ALA A 645 12.32 18.66 6.44
CA ALA A 645 13.21 17.72 5.78
C ALA A 645 14.22 17.15 6.77
N PRO A 646 14.66 15.90 6.60
CA PRO A 646 15.44 15.25 7.65
C PRO A 646 16.85 15.80 7.74
N LYS A 647 17.44 15.68 8.92
CA LYS A 647 18.78 16.19 9.15
C LYS A 647 19.79 15.37 8.34
N PRO A 648 20.78 16.02 7.72
CA PRO A 648 21.77 15.25 6.95
C PRO A 648 22.51 14.21 7.76
N GLU A 649 22.81 14.50 9.03
CA GLU A 649 23.43 13.52 9.90
C GLU A 649 22.60 12.24 9.97
N ASP A 650 21.28 12.37 10.06
CA ASP A 650 20.42 11.19 10.11
C ASP A 650 20.41 10.43 8.80
N VAL A 651 20.53 11.13 7.68
CA VAL A 651 20.49 10.45 6.39
C VAL A 651 21.80 9.73 6.12
N GLU A 652 22.93 10.29 6.58
CA GLU A 652 24.20 9.55 6.52
C GLU A 652 24.13 8.31 7.39
N MET A 653 23.49 8.42 8.56
CA MET A 653 23.37 7.29 9.47
C MET A 653 22.56 6.16 8.83
N MET A 654 21.46 6.51 8.15
CA MET A 654 20.59 5.51 7.55
C MET A 654 21.18 4.90 6.28
N GLU A 655 21.92 5.67 5.48
CA GLU A 655 22.63 5.07 4.37
C GLU A 655 23.80 4.20 4.84
N LYS A 656 24.40 4.52 6.00
CA LYS A 656 25.39 3.61 6.57
C LYS A 656 24.76 2.29 6.99
N GLN A 657 23.52 2.32 7.46
CA GLN A 657 22.87 1.06 7.83
C GLN A 657 22.49 0.27 6.58
N ARG A 658 22.09 0.95 5.52
CA ARG A 658 21.78 0.28 4.27
C ARG A 658 23.04 -0.35 3.65
N GLN A 659 24.15 0.39 3.63
CA GLN A 659 25.41 -0.20 3.18
C GLN A 659 25.72 -1.46 3.97
N ARG A 660 25.50 -1.42 5.28
CA ARG A 660 25.89 -2.49 6.18
C ARG A 660 24.97 -3.72 6.09
N LEU A 661 23.73 -3.54 5.61
CA LEU A 661 22.74 -4.60 5.65
C LEU A 661 22.25 -5.08 4.29
N GLN A 662 22.43 -4.29 3.22
CA GLN A 662 21.81 -4.66 1.96
C GLN A 662 22.39 -5.92 1.34
N GLU A 663 23.58 -6.33 1.74
CA GLU A 663 24.11 -7.59 1.20
C GLU A 663 23.39 -8.79 1.79
N ARG A 664 23.01 -8.71 3.07
CA ARG A 664 22.17 -9.77 3.62
C ARG A 664 20.72 -9.60 3.19
N TRP A 665 20.18 -8.37 3.25
CA TRP A 665 18.77 -8.10 2.94
C TRP A 665 18.64 -7.33 1.61
N GLY A 666 18.57 -8.10 0.50
CA GLY A 666 18.61 -7.49 -0.82
C GLY A 666 17.48 -6.51 -1.12
N LEU A 667 16.32 -6.69 -0.49
CA LEU A 667 15.22 -5.76 -0.67
C LEU A 667 15.58 -4.34 -0.26
N LEU A 668 16.67 -4.16 0.49
CA LEU A 668 17.13 -2.83 0.86
C LEU A 668 17.76 -2.08 -0.29
N ARG A 669 18.10 -2.77 -1.38
CA ARG A 669 18.86 -2.14 -2.44
C ARG A 669 18.00 -1.17 -3.23
N CYS A 670 18.57 -0.02 -3.54
CA CYS A 670 17.91 0.93 -4.44
C CYS A 670 18.93 1.47 -5.46
N THR A 671 19.99 0.70 -5.73
CA THR A 671 20.98 0.93 -6.77
C THR A 671 21.43 -0.42 -7.30
N VAL A 672 22.03 -0.42 -8.48
CA VAL A 672 22.65 -1.64 -8.96
C VAL A 672 23.94 -1.90 -8.19
N SER A 673 24.23 -3.16 -7.91
CA SER A 673 25.40 -3.53 -7.15
C SER A 673 26.65 -3.49 -8.02
N GLU A 674 27.80 -3.27 -7.36
CA GLU A 674 29.07 -3.23 -8.06
C GLU A 674 29.41 -4.64 -8.55
N SER A 675 29.51 -4.80 -9.87
CA SER A 675 30.01 -6.04 -10.44
C SER A 675 31.53 -6.10 -10.22
N TRP A 676 31.99 -7.13 -9.52
CA TRP A 676 33.44 -7.27 -9.33
C TRP A 676 34.09 -7.69 -10.65
C10 LS6 B . -2.50 -2.00 -26.82
C13 LS6 B . -3.78 -2.29 -23.24
C15 LS6 B . -4.39 -1.30 -21.18
C20 LS6 B . -3.40 -4.21 -26.48
C01 LS6 B . -1.18 -3.60 -29.08
C02 LS6 B . -1.16 -4.77 -30.12
C03 LS6 B . -1.55 -6.04 -29.72
C04 LS6 B . -1.55 -7.08 -30.63
C05 LS6 B . -1.10 -6.83 -31.97
C06 LS6 B . -0.68 -5.56 -32.37
C07 LS6 B . -0.70 -4.53 -31.46
C08 LS6 B . -2.56 -3.54 -28.33
C11 LS6 B . -2.63 -1.73 -25.33
C12 LS6 B . -3.74 -2.47 -24.76
C14 LS6 B . -4.47 -1.26 -22.77
C19 LS6 B . -3.60 -3.87 -25.00
N09 LS6 B . -2.40 -3.40 -27.13
N17 LS6 B . -3.89 -0.14 -20.43
O16 LS6 B . -4.70 -2.30 -20.55
O18 LS6 B . -3.80 -0.15 -19.03
K K C . 0.97 2.18 -14.96
K K D . 1.44 16.22 -12.14
ZN ZN E . -2.92 -2.03 -18.97
P PO4 F . 15.73 3.47 -20.42
O1 PO4 F . 16.97 3.07 -19.65
O2 PO4 F . 15.53 2.55 -21.61
O3 PO4 F . 14.57 3.42 -19.45
O4 PO4 F . 15.91 4.89 -20.91
P PO4 G . 18.54 -3.31 -18.71
O1 PO4 G . 19.02 -4.57 -18.01
O2 PO4 G . 19.69 -2.35 -18.87
O3 PO4 G . 17.43 -2.67 -17.89
O4 PO4 G . 17.99 -3.68 -20.05
P PO4 H . -11.94 -15.60 1.37
O1 PO4 H . -11.47 -15.84 2.79
O2 PO4 H . -10.74 -15.54 0.45
O3 PO4 H . -12.71 -14.31 1.33
O4 PO4 H . -12.87 -16.74 0.98
#